data_5UIB
#
_entry.id   5UIB
#
_cell.length_a   138.622
_cell.length_b   113.109
_cell.length_c   65.820
_cell.angle_alpha   90.00
_cell.angle_beta   94.61
_cell.angle_gamma   90.00
#
_symmetry.space_group_name_H-M   'C 1 2 1'
#
loop_
_entity.id
_entity.type
_entity.pdbx_description
1 polymer 'Oxidoreductase protein'
2 non-polymer NICOTINAMIDE-ADENINE-DINUCLEOTIDE
3 non-polymer 'L(+)-TARTARIC ACID'
4 non-polymer 'MAGNESIUM ION'
5 water water
#
_entity_poly.entity_id   1
_entity_poly.type   'polypeptide(L)'
_entity_poly.pdbx_seq_one_letter_code
;MNMTELKGALIGCGFFAVNQMHAWKDVKGAGIAAICDRDPKRLKLVGDQFGIERRYGDAAALFADGGFDFVDIATTVQSH
RALVEMAAAHKVPAICQKPFAKSLSDAKAMVRTCENADIPLMVHENFRWQTPIQAVKAVLESGAIGEPFWGRFSFRSGFD
VFSGQPYLAEGERFIIEDLGIHTLDIARFILGDVATLTARTKRVNPKIKGEDVATILLDHQNGATSIVDVSYATKLGTEP
FPETLIDIDGTQGTIRLSQGYRLEVTGPNGMTISDASPQLLSWASRPWHNIQESVLAIQQHWTDRLSSGGETSTSGADNL
KTFALVEAAYESAANGRTVDIGAML
;
_entity_poly.pdbx_strand_id   A,B
#
loop_
_chem_comp.id
_chem_comp.type
_chem_comp.name
_chem_comp.formula
MG non-polymer 'MAGNESIUM ION' 'Mg 2'
NAD non-polymer NICOTINAMIDE-ADENINE-DINUCLEOTIDE 'C21 H27 N7 O14 P2'
TLA non-polymer 'L(+)-TARTARIC ACID' 'C4 H6 O6'
#
# COMPACT_ATOMS: atom_id res chain seq x y z
N THR A 4 -4.36 -20.38 -44.20
CA THR A 4 -4.70 -18.94 -43.93
C THR A 4 -3.61 -18.20 -43.10
N GLU A 5 -2.43 -18.02 -43.71
CA GLU A 5 -1.35 -17.23 -43.10
C GLU A 5 -1.71 -15.75 -43.24
N LEU A 6 -2.19 -15.15 -42.13
CA LEU A 6 -2.51 -13.72 -42.07
C LEU A 6 -1.28 -12.87 -42.35
N LYS A 7 -1.48 -11.79 -43.11
CA LYS A 7 -0.42 -10.84 -43.45
C LYS A 7 -0.76 -9.51 -42.77
N GLY A 8 0.10 -9.08 -41.84
CA GLY A 8 -0.08 -7.81 -41.11
C GLY A 8 0.85 -6.71 -41.59
N ALA A 9 0.49 -5.47 -41.29
CA ALA A 9 1.36 -4.30 -41.55
C ALA A 9 1.63 -3.53 -40.25
N LEU A 10 2.90 -3.19 -40.00
CA LEU A 10 3.28 -2.50 -38.76
C LEU A 10 3.61 -1.03 -39.01
N ILE A 11 2.87 -0.16 -38.32
CA ILE A 11 3.08 1.27 -38.42
C ILE A 11 3.74 1.73 -37.12
N GLY A 12 4.96 2.24 -37.25
CA GLY A 12 5.74 2.76 -36.13
C GLY A 12 6.86 1.82 -35.77
N CYS A 13 7.94 1.86 -36.55
CA CYS A 13 9.08 0.95 -36.40
C CYS A 13 10.08 1.44 -35.35
N GLY A 14 9.58 1.66 -34.13
CA GLY A 14 10.34 2.33 -33.10
C GLY A 14 11.15 1.38 -32.24
N PHE A 15 11.36 1.79 -31.00
CA PHE A 15 12.22 1.08 -30.04
C PHE A 15 11.56 -0.25 -29.63
N PHE A 16 10.30 -0.17 -29.20
CA PHE A 16 9.54 -1.34 -28.76
C PHE A 16 8.98 -2.18 -29.91
N ALA A 17 8.78 -1.58 -31.08
CA ALA A 17 8.26 -2.32 -32.24
C ALA A 17 9.17 -3.47 -32.67
N VAL A 18 10.46 -3.35 -32.36
CA VAL A 18 11.43 -4.43 -32.64
C VAL A 18 11.02 -5.69 -31.88
N ASN A 19 10.51 -5.55 -30.65
CA ASN A 19 9.96 -6.68 -29.88
C ASN A 19 8.74 -7.29 -30.53
N GLN A 20 7.86 -6.43 -31.06
CA GLN A 20 6.66 -6.88 -31.74
C GLN A 20 6.97 -7.64 -33.04
N MET A 21 8.00 -7.18 -33.77
CA MET A 21 8.42 -7.81 -35.03
C MET A 21 9.06 -9.18 -34.79
N HIS A 22 9.97 -9.27 -33.82
CA HIS A 22 10.53 -10.58 -33.41
C HIS A 22 9.40 -11.57 -33.12
N ALA A 23 8.45 -11.08 -32.34
CA ALA A 23 7.33 -11.88 -31.88
C ALA A 23 6.41 -12.30 -33.02
N TRP A 24 6.19 -11.43 -34.00
CA TRP A 24 5.39 -11.80 -35.17
C TRP A 24 5.96 -13.03 -35.94
N LYS A 25 7.29 -13.14 -36.03
CA LYS A 25 7.94 -14.35 -36.61
C LYS A 25 7.50 -15.62 -35.88
N ASP A 26 7.52 -15.56 -34.55
CA ASP A 26 7.13 -16.67 -33.67
C ASP A 26 5.63 -16.94 -33.69
N VAL A 27 4.81 -15.92 -33.94
CA VAL A 27 3.35 -16.07 -33.94
C VAL A 27 2.92 -17.05 -35.03
N LYS A 28 2.12 -18.05 -34.64
CA LYS A 28 1.54 -19.05 -35.56
C LYS A 28 0.24 -18.56 -36.22
N GLY A 29 0.24 -18.51 -37.55
CA GLY A 29 -0.92 -18.10 -38.33
C GLY A 29 -0.89 -16.66 -38.82
N ALA A 30 0.18 -15.94 -38.49
CA ALA A 30 0.32 -14.53 -38.87
C ALA A 30 1.77 -14.10 -38.98
N GLY A 31 1.99 -13.03 -39.75
CA GLY A 31 3.32 -12.46 -40.01
C GLY A 31 3.22 -11.09 -40.65
N ILE A 32 4.37 -10.44 -40.83
CA ILE A 32 4.41 -9.03 -41.24
C ILE A 32 4.80 -8.90 -42.70
N ALA A 33 3.89 -8.32 -43.49
CA ALA A 33 4.03 -8.17 -44.94
C ALA A 33 4.57 -6.81 -45.37
N ALA A 34 4.27 -5.77 -44.58
CA ALA A 34 4.74 -4.40 -44.85
C ALA A 34 5.03 -3.67 -43.56
N ILE A 35 5.80 -2.60 -43.67
CA ILE A 35 6.06 -1.71 -42.53
C ILE A 35 5.95 -0.24 -42.95
N CYS A 36 5.77 0.62 -41.95
CA CYS A 36 5.58 2.04 -42.16
C CYS A 36 6.35 2.83 -41.12
N ASP A 37 6.99 3.91 -41.54
CA ASP A 37 7.58 4.87 -40.61
C ASP A 37 7.95 6.19 -41.28
N ARG A 38 7.65 7.30 -40.61
CA ARG A 38 8.10 8.64 -41.03
C ARG A 38 9.61 8.85 -40.94
N ASP A 39 10.29 8.03 -40.15
CA ASP A 39 11.72 8.16 -39.98
C ASP A 39 12.41 7.11 -40.86
N PRO A 40 12.87 7.51 -42.07
CA PRO A 40 13.43 6.51 -42.99
C PRO A 40 14.65 5.74 -42.44
N LYS A 41 15.29 6.27 -41.40
CA LYS A 41 16.35 5.57 -40.65
C LYS A 41 15.84 4.31 -39.95
N ARG A 42 14.71 4.46 -39.27
CA ARG A 42 14.05 3.35 -38.57
C ARG A 42 13.35 2.40 -39.54
N LEU A 43 12.74 2.96 -40.58
CA LEU A 43 12.14 2.15 -41.63
C LEU A 43 13.17 1.21 -42.29
N LYS A 44 14.35 1.77 -42.57
CA LYS A 44 15.46 1.01 -43.18
C LYS A 44 16.08 0.00 -42.21
N LEU A 45 16.31 0.43 -40.98
CA LEU A 45 16.95 -0.41 -39.96
C LEU A 45 16.10 -1.61 -39.57
N VAL A 46 14.83 -1.38 -39.29
CA VAL A 46 13.89 -2.45 -38.97
C VAL A 46 13.61 -3.29 -40.20
N GLY A 47 13.44 -2.61 -41.34
CA GLY A 47 13.17 -3.27 -42.63
C GLY A 47 14.20 -4.32 -43.05
N ASP A 48 15.48 -4.01 -42.84
CA ASP A 48 16.57 -4.94 -43.13
C ASP A 48 16.66 -6.04 -42.08
N GLN A 49 16.46 -5.67 -40.82
CA GLN A 49 16.56 -6.59 -39.69
C GLN A 49 15.61 -7.77 -39.82
N PHE A 50 14.37 -7.50 -40.15
CA PHE A 50 13.34 -8.53 -40.27
C PHE A 50 12.98 -8.90 -41.72
N GLY A 51 13.73 -8.36 -42.68
CA GLY A 51 13.60 -8.75 -44.08
C GLY A 51 12.25 -8.44 -44.68
N ILE A 52 11.87 -7.17 -44.65
CA ILE A 52 10.58 -6.69 -45.13
C ILE A 52 10.77 -6.00 -46.50
N GLU A 53 10.05 -6.50 -47.50
CA GLU A 53 10.19 -6.02 -48.88
C GLU A 53 9.50 -4.68 -48.97
N ARG A 54 8.23 -4.66 -48.55
CA ARG A 54 7.37 -3.47 -48.67
C ARG A 54 7.63 -2.49 -47.53
N ARG A 55 7.94 -1.25 -47.87
CA ARG A 55 8.25 -0.21 -46.89
C ARG A 55 7.62 1.10 -47.31
N TYR A 56 7.03 1.81 -46.35
CA TYR A 56 6.25 3.02 -46.63
C TYR A 56 6.69 4.20 -45.76
N GLY A 57 6.82 5.36 -46.40
CA GLY A 57 7.17 6.61 -45.71
C GLY A 57 5.99 7.24 -44.98
N ASP A 58 4.77 7.03 -45.49
CA ASP A 58 3.56 7.49 -44.83
C ASP A 58 2.48 6.40 -44.80
N ALA A 59 1.69 6.39 -43.72
CA ALA A 59 0.64 5.38 -43.52
C ALA A 59 -0.54 5.48 -44.51
N ALA A 60 -0.79 6.65 -45.09
CA ALA A 60 -1.87 6.82 -46.06
C ALA A 60 -1.63 6.03 -47.36
N ALA A 61 -0.38 6.01 -47.83
CA ALA A 61 0.04 5.19 -48.97
C ALA A 61 -0.09 3.69 -48.69
N LEU A 62 0.37 3.28 -47.50
CA LEU A 62 0.24 1.88 -47.04
C LEU A 62 -1.20 1.40 -47.17
N PHE A 63 -2.12 2.11 -46.51
CA PHE A 63 -3.54 1.78 -46.54
C PHE A 63 -4.16 1.82 -47.95
N ALA A 64 -3.64 2.69 -48.83
CA ALA A 64 -4.10 2.79 -50.22
C ALA A 64 -3.73 1.53 -51.05
N ASP A 65 -2.55 0.98 -50.80
CA ASP A 65 -2.07 -0.24 -51.49
C ASP A 65 -2.63 -1.53 -50.89
N GLY A 66 -2.80 -1.55 -49.57
CA GLY A 66 -3.39 -2.70 -48.89
C GLY A 66 -2.53 -3.94 -48.98
N GLY A 67 -3.17 -5.10 -49.10
CA GLY A 67 -2.47 -6.38 -49.13
C GLY A 67 -2.09 -6.88 -47.74
N PHE A 68 -2.87 -6.48 -46.73
CA PHE A 68 -2.70 -6.97 -45.38
C PHE A 68 -4.06 -7.05 -44.68
N ASP A 69 -4.18 -8.07 -43.82
CA ASP A 69 -5.40 -8.42 -43.12
C ASP A 69 -5.61 -7.63 -41.84
N PHE A 70 -4.51 -7.16 -41.25
CA PHE A 70 -4.57 -6.37 -40.03
C PHE A 70 -3.42 -5.36 -39.94
N VAL A 71 -3.63 -4.35 -39.09
CA VAL A 71 -2.64 -3.30 -38.88
C VAL A 71 -2.22 -3.30 -37.41
N ASP A 72 -0.92 -3.22 -37.18
CA ASP A 72 -0.34 -3.17 -35.84
C ASP A 72 0.26 -1.78 -35.67
N ILE A 73 -0.44 -0.94 -34.91
CA ILE A 73 -0.02 0.43 -34.63
C ILE A 73 0.87 0.41 -33.41
N ALA A 74 2.15 0.74 -33.64
CA ALA A 74 3.15 0.85 -32.57
C ALA A 74 3.77 2.27 -32.48
N THR A 75 3.06 3.28 -32.96
CA THR A 75 3.52 4.67 -32.85
C THR A 75 3.17 5.16 -31.48
N THR A 76 3.68 6.35 -31.12
CA THR A 76 3.29 7.03 -29.88
C THR A 76 1.87 7.60 -30.00
N VAL A 77 1.34 8.04 -28.85
CA VAL A 77 -0.08 8.38 -28.70
C VAL A 77 -0.67 9.41 -29.69
N GLN A 78 0.18 10.32 -30.18
CA GLN A 78 -0.25 11.38 -31.10
C GLN A 78 -0.97 10.83 -32.33
N SER A 79 -0.33 9.86 -32.98
CA SER A 79 -0.86 9.27 -34.20
C SER A 79 -2.00 8.27 -34.00
N HIS A 80 -2.18 7.79 -32.77
CA HIS A 80 -3.13 6.69 -32.51
C HIS A 80 -4.54 6.86 -33.06
N ARG A 81 -5.16 8.01 -32.79
CA ARG A 81 -6.56 8.23 -33.15
C ARG A 81 -6.78 8.20 -34.65
N ALA A 82 -5.90 8.89 -35.38
CA ALA A 82 -5.99 8.95 -36.84
C ALA A 82 -5.72 7.58 -37.49
N LEU A 83 -4.69 6.88 -37.03
CA LEU A 83 -4.31 5.59 -37.60
C LEU A 83 -5.39 4.54 -37.36
N VAL A 84 -6.04 4.61 -36.20
CA VAL A 84 -7.22 3.78 -35.92
C VAL A 84 -8.39 4.16 -36.82
N GLU A 85 -8.59 5.47 -37.03
CA GLU A 85 -9.64 5.96 -37.93
C GLU A 85 -9.40 5.57 -39.41
N MET A 86 -8.14 5.67 -39.85
CA MET A 86 -7.69 5.17 -41.16
C MET A 86 -7.95 3.68 -41.31
N ALA A 87 -7.59 2.93 -40.27
CA ALA A 87 -7.79 1.49 -40.23
C ALA A 87 -9.27 1.12 -40.36
N ALA A 88 -10.15 1.86 -39.68
CA ALA A 88 -11.60 1.61 -39.73
C ALA A 88 -12.24 1.94 -41.08
N ALA A 89 -11.80 3.03 -41.72
CA ALA A 89 -12.32 3.42 -43.03
C ALA A 89 -11.96 2.41 -44.12
N HIS A 90 -10.75 1.86 -44.06
CA HIS A 90 -10.29 0.79 -44.94
C HIS A 90 -10.70 -0.63 -44.47
N LYS A 91 -11.55 -0.75 -43.45
CA LYS A 91 -11.99 -2.03 -42.88
C LYS A 91 -10.88 -3.03 -42.50
N VAL A 92 -9.75 -2.51 -42.02
CA VAL A 92 -8.60 -3.32 -41.58
C VAL A 92 -8.63 -3.40 -40.05
N PRO A 93 -8.68 -4.64 -39.50
CA PRO A 93 -8.54 -4.87 -38.06
C PRO A 93 -7.28 -4.24 -37.48
N ALA A 94 -7.39 -3.66 -36.28
CA ALA A 94 -6.33 -2.81 -35.75
C ALA A 94 -5.89 -3.19 -34.35
N ILE A 95 -4.58 -3.28 -34.15
CA ILE A 95 -3.96 -3.31 -32.83
C ILE A 95 -3.33 -1.92 -32.60
N CYS A 96 -3.46 -1.41 -31.39
CA CYS A 96 -2.95 -0.09 -31.00
C CYS A 96 -2.16 -0.16 -29.71
N GLN A 97 -0.95 0.40 -29.71
CA GLN A 97 -0.16 0.49 -28.48
C GLN A 97 -0.84 1.33 -27.40
N LYS A 98 -0.24 1.34 -26.22
CA LYS A 98 -0.66 2.23 -25.14
C LYS A 98 0.34 3.40 -25.02
N PRO A 99 -0.07 4.53 -24.40
CA PRO A 99 -1.47 4.78 -24.03
C PRO A 99 -2.36 4.79 -25.26
N PHE A 100 -3.59 4.34 -25.09
CA PHE A 100 -4.54 4.15 -26.18
C PHE A 100 -4.75 5.47 -26.96
N ALA A 101 -5.20 6.50 -26.25
CA ALA A 101 -5.42 7.85 -26.82
C ALA A 101 -4.97 8.94 -25.85
N LYS A 102 -5.09 10.18 -26.30
CA LYS A 102 -4.72 11.34 -25.48
C LYS A 102 -5.77 11.67 -24.39
N SER A 103 -7.05 11.44 -24.68
CA SER A 103 -8.14 11.61 -23.71
C SER A 103 -9.08 10.41 -23.75
N LEU A 104 -9.93 10.30 -22.74
CA LEU A 104 -10.97 9.26 -22.71
C LEU A 104 -11.98 9.47 -23.87
N SER A 105 -12.20 10.74 -24.26
CA SER A 105 -13.02 11.10 -25.45
C SER A 105 -12.48 10.50 -26.74
N ASP A 106 -11.21 10.75 -27.00
CA ASP A 106 -10.53 10.22 -28.17
C ASP A 106 -10.66 8.69 -28.19
N ALA A 107 -10.48 8.05 -27.04
CA ALA A 107 -10.60 6.59 -26.95
C ALA A 107 -12.01 6.09 -27.29
N LYS A 108 -13.04 6.79 -26.81
CA LYS A 108 -14.43 6.39 -27.09
C LYS A 108 -14.79 6.47 -28.58
N ALA A 109 -14.43 7.59 -29.22
CA ALA A 109 -14.63 7.76 -30.67
C ALA A 109 -13.84 6.74 -31.46
N MET A 110 -12.65 6.41 -30.97
CA MET A 110 -11.85 5.32 -31.52
C MET A 110 -12.53 3.95 -31.33
N VAL A 111 -13.15 3.72 -30.18
CA VAL A 111 -13.95 2.51 -29.99
C VAL A 111 -15.23 2.56 -30.85
N ARG A 112 -15.87 3.72 -30.96
CA ARG A 112 -17.14 3.86 -31.69
C ARG A 112 -16.96 3.71 -33.21
N THR A 113 -15.90 4.32 -33.75
CA THR A 113 -15.59 4.24 -35.19
C THR A 113 -15.33 2.81 -35.62
N CYS A 114 -14.60 2.06 -34.79
CA CYS A 114 -14.27 0.67 -35.09
C CYS A 114 -15.47 -0.27 -34.96
N GLU A 115 -16.36 0.01 -34.00
CA GLU A 115 -17.61 -0.77 -33.87
C GLU A 115 -18.58 -0.51 -35.05
N ASN A 116 -18.77 0.77 -35.38
CA ASN A 116 -19.60 1.17 -36.54
C ASN A 116 -19.11 0.52 -37.83
N ALA A 117 -17.80 0.38 -37.96
CA ALA A 117 -17.16 -0.29 -39.10
C ALA A 117 -17.16 -1.82 -39.04
N ASP A 118 -17.49 -2.41 -37.89
CA ASP A 118 -17.50 -3.87 -37.69
C ASP A 118 -16.11 -4.52 -37.93
N ILE A 119 -15.10 -3.95 -37.28
CA ILE A 119 -13.71 -4.48 -37.28
C ILE A 119 -13.20 -4.66 -35.84
N PRO A 120 -12.38 -5.69 -35.58
CA PRO A 120 -11.82 -5.81 -34.23
C PRO A 120 -10.82 -4.69 -33.88
N LEU A 121 -10.75 -4.35 -32.59
CA LEU A 121 -9.79 -3.38 -32.13
C LEU A 121 -9.22 -3.83 -30.79
N MET A 122 -8.03 -4.43 -30.79
CA MET A 122 -7.33 -4.75 -29.55
C MET A 122 -6.40 -3.61 -29.20
N VAL A 123 -6.32 -3.29 -27.91
CA VAL A 123 -5.26 -2.45 -27.39
C VAL A 123 -4.11 -3.35 -26.87
N HIS A 124 -2.89 -3.07 -27.33
CA HIS A 124 -1.69 -3.82 -26.93
C HIS A 124 -1.35 -3.49 -25.48
N GLU A 125 -2.01 -4.17 -24.57
CA GLU A 125 -1.80 -3.98 -23.15
C GLU A 125 -1.32 -5.33 -22.60
N ASN A 126 0.00 -5.51 -22.65
CA ASN A 126 0.65 -6.82 -22.45
C ASN A 126 1.06 -7.17 -21.02
N PHE A 127 0.87 -6.27 -20.05
CA PHE A 127 1.25 -6.58 -18.65
C PHE A 127 0.44 -7.75 -18.06
N ARG A 128 -0.88 -7.69 -18.15
CA ARG A 128 -1.74 -8.86 -17.81
C ARG A 128 -1.44 -10.17 -18.59
N TRP A 129 -0.66 -10.10 -19.67
CA TRP A 129 -0.25 -11.29 -20.42
C TRP A 129 1.11 -11.91 -19.99
N GLN A 130 1.73 -11.38 -18.95
CA GLN A 130 2.94 -11.98 -18.37
C GLN A 130 2.59 -13.30 -17.64
N THR A 131 3.51 -14.26 -17.64
CA THR A 131 3.33 -15.51 -16.87
C THR A 131 2.96 -15.31 -15.37
N PRO A 132 3.76 -14.55 -14.60
CA PRO A 132 3.41 -14.33 -13.17
C PRO A 132 2.00 -13.76 -12.92
N ILE A 133 1.61 -12.77 -13.72
CA ILE A 133 0.31 -12.11 -13.60
C ILE A 133 -0.84 -13.10 -13.91
N GLN A 134 -0.67 -13.89 -14.97
CA GLN A 134 -1.60 -14.97 -15.32
C GLN A 134 -1.69 -16.00 -14.20
N ALA A 135 -0.55 -16.36 -13.62
CA ALA A 135 -0.52 -17.30 -12.50
C ALA A 135 -1.33 -16.77 -11.30
N VAL A 136 -1.26 -15.46 -11.03
CA VAL A 136 -2.04 -14.85 -9.94
C VAL A 136 -3.55 -14.96 -10.24
N LYS A 137 -3.93 -14.58 -11.46
CA LYS A 137 -5.31 -14.73 -11.95
C LYS A 137 -5.77 -16.19 -11.87
N ALA A 138 -4.97 -17.10 -12.45
CA ALA A 138 -5.25 -18.54 -12.42
C ALA A 138 -5.55 -19.04 -11.01
N VAL A 139 -4.69 -18.68 -10.07
CA VAL A 139 -4.85 -19.06 -8.65
C VAL A 139 -6.20 -18.58 -8.11
N LEU A 140 -6.42 -17.26 -8.18
CA LEU A 140 -7.66 -16.64 -7.68
C LEU A 140 -8.93 -17.15 -8.40
N GLU A 141 -8.80 -17.46 -9.69
CA GLU A 141 -9.88 -18.08 -10.48
C GLU A 141 -10.31 -19.46 -9.93
N SER A 142 -9.36 -20.25 -9.45
CA SER A 142 -9.68 -21.58 -8.89
C SER A 142 -10.53 -21.55 -7.62
N GLY A 143 -10.44 -20.46 -6.86
CA GLY A 143 -11.10 -20.33 -5.55
C GLY A 143 -10.21 -20.77 -4.39
N ALA A 144 -8.89 -20.84 -4.63
CA ALA A 144 -7.96 -21.35 -3.62
C ALA A 144 -7.88 -20.50 -2.35
N ILE A 145 -8.30 -19.24 -2.41
CA ILE A 145 -8.26 -18.33 -1.26
C ILE A 145 -9.62 -17.67 -0.98
N GLY A 146 -10.70 -18.19 -1.54
CA GLY A 146 -12.03 -17.62 -1.34
C GLY A 146 -12.24 -16.26 -1.97
N GLU A 147 -13.31 -15.57 -1.57
CA GLU A 147 -13.70 -14.28 -2.17
C GLU A 147 -12.59 -13.24 -1.90
N PRO A 148 -11.99 -12.65 -2.95
CA PRO A 148 -10.93 -11.65 -2.69
C PRO A 148 -11.50 -10.33 -2.14
N PHE A 149 -10.91 -9.83 -1.05
CA PHE A 149 -11.39 -8.58 -0.39
C PHE A 149 -10.42 -7.41 -0.37
N TRP A 150 -9.13 -7.67 -0.55
CA TRP A 150 -8.13 -6.61 -0.50
C TRP A 150 -6.96 -6.97 -1.41
N GLY A 151 -6.41 -5.97 -2.09
CA GLY A 151 -5.26 -6.17 -2.98
C GLY A 151 -4.21 -5.08 -2.95
N ARG A 152 -3.02 -5.42 -3.43
CA ARG A 152 -1.97 -4.44 -3.64
C ARG A 152 -1.18 -4.78 -4.88
N PHE A 153 -0.93 -3.78 -5.70
CA PHE A 153 -0.19 -3.91 -6.96
C PHE A 153 0.93 -2.86 -6.96
N SER A 154 2.19 -3.31 -7.06
CA SER A 154 3.36 -2.45 -6.87
C SER A 154 4.38 -2.58 -8.01
N PHE A 155 4.81 -1.44 -8.55
CA PHE A 155 5.92 -1.38 -9.49
C PHE A 155 6.79 -0.22 -9.06
N ARG A 156 7.78 -0.52 -8.21
CA ARG A 156 8.69 0.47 -7.61
C ARG A 156 10.11 0.15 -8.04
N SER A 157 10.74 1.12 -8.69
CA SER A 157 12.00 0.90 -9.39
C SER A 157 12.83 2.18 -9.48
N GLY A 158 14.13 2.01 -9.65
CA GLY A 158 15.05 3.11 -10.00
C GLY A 158 15.73 2.88 -11.34
N PHE A 159 15.16 1.99 -12.16
CA PHE A 159 15.70 1.68 -13.47
C PHE A 159 15.55 2.88 -14.42
N ASP A 160 16.63 3.12 -15.17
CA ASP A 160 16.71 4.19 -16.17
C ASP A 160 15.94 3.81 -17.46
N VAL A 161 14.65 4.08 -17.45
CA VAL A 161 13.81 3.90 -18.63
C VAL A 161 13.93 5.07 -19.64
N PHE A 162 14.56 6.16 -19.23
CA PHE A 162 14.58 7.39 -20.02
C PHE A 162 15.59 7.32 -21.18
N SER A 163 16.59 6.43 -21.09
CA SER A 163 17.54 6.20 -22.20
C SER A 163 16.89 5.48 -23.37
N GLY A 164 16.21 4.37 -23.07
CA GLY A 164 15.43 3.66 -24.08
C GLY A 164 14.31 4.50 -24.66
N GLN A 165 13.70 5.33 -23.81
CA GLN A 165 12.50 6.11 -24.15
C GLN A 165 12.65 7.59 -23.69
N PRO A 166 13.43 8.42 -24.41
CA PRO A 166 13.69 9.83 -24.03
C PRO A 166 12.46 10.70 -23.80
N TYR A 167 11.40 10.47 -24.58
CA TYR A 167 10.10 11.20 -24.42
C TYR A 167 9.48 11.13 -23.00
N LEU A 168 9.81 10.09 -22.23
CA LEU A 168 9.27 9.94 -20.87
C LEU A 168 9.60 11.12 -19.94
N ALA A 169 10.81 11.65 -20.04
CA ALA A 169 11.22 12.81 -19.23
C ALA A 169 10.65 14.14 -19.71
N GLU A 170 10.10 14.19 -20.92
CA GLU A 170 9.72 15.44 -21.56
C GLU A 170 8.33 15.92 -21.09
N GLY A 171 7.39 15.00 -20.93
CA GLY A 171 6.01 15.36 -20.61
C GLY A 171 5.77 15.98 -19.23
N GLU A 172 4.68 16.75 -19.12
CA GLU A 172 4.15 17.22 -17.84
C GLU A 172 3.45 16.05 -17.13
N ARG A 173 2.99 15.05 -17.89
CA ARG A 173 2.55 13.76 -17.34
C ARG A 173 3.59 12.70 -17.64
N PHE A 174 3.75 11.75 -16.71
CA PHE A 174 4.68 10.62 -16.88
C PHE A 174 4.11 9.29 -16.32
N ILE A 175 4.38 8.95 -15.07
CA ILE A 175 4.35 7.53 -14.66
C ILE A 175 3.00 6.83 -14.72
N ILE A 176 1.88 7.54 -14.57
CA ILE A 176 0.55 6.90 -14.61
C ILE A 176 0.20 6.59 -16.07
N GLU A 177 0.29 7.64 -16.88
CA GLU A 177 0.09 7.59 -18.33
C GLU A 177 0.91 6.48 -19.00
N ASP A 178 2.15 6.31 -18.56
CA ASP A 178 3.09 5.39 -19.19
C ASP A 178 3.03 4.00 -18.58
N LEU A 179 3.22 3.93 -17.27
CA LEU A 179 3.44 2.65 -16.56
C LEU A 179 2.26 2.24 -15.68
N GLY A 180 1.77 3.17 -14.88
CA GLY A 180 0.59 2.96 -14.03
C GLY A 180 -0.63 2.45 -14.78
N ILE A 181 -0.79 2.88 -16.03
CA ILE A 181 -1.82 2.34 -16.92
C ILE A 181 -1.83 0.80 -16.92
N HIS A 182 -0.65 0.17 -16.92
CA HIS A 182 -0.55 -1.28 -16.85
C HIS A 182 -1.02 -1.78 -15.49
N THR A 183 -0.44 -1.22 -14.42
CA THR A 183 -0.70 -1.64 -13.04
C THR A 183 -2.19 -1.51 -12.70
N LEU A 184 -2.81 -0.45 -13.20
CA LEU A 184 -4.27 -0.28 -13.16
C LEU A 184 -5.02 -1.37 -13.95
N ASP A 185 -4.47 -1.73 -15.11
CA ASP A 185 -5.08 -2.79 -15.91
C ASP A 185 -5.06 -4.11 -15.18
N ILE A 186 -3.98 -4.36 -14.43
CA ILE A 186 -3.82 -5.59 -13.66
C ILE A 186 -4.82 -5.60 -12.49
N ALA A 187 -5.02 -4.45 -11.85
CA ALA A 187 -5.96 -4.36 -10.71
C ALA A 187 -7.37 -4.71 -11.15
N ARG A 188 -7.75 -4.15 -12.30
CA ARG A 188 -8.98 -4.53 -13.01
C ARG A 188 -9.04 -6.03 -13.32
N PHE A 189 -7.97 -6.51 -13.96
CA PHE A 189 -7.86 -7.90 -14.42
C PHE A 189 -7.93 -8.93 -13.31
N ILE A 190 -7.43 -8.57 -12.14
CA ILE A 190 -7.43 -9.47 -10.98
C ILE A 190 -8.71 -9.30 -10.15
N LEU A 191 -9.11 -8.05 -9.87
CA LEU A 191 -10.20 -7.77 -8.91
C LEU A 191 -11.51 -7.13 -9.46
N GLY A 192 -11.58 -6.94 -10.78
CA GLY A 192 -12.77 -6.41 -11.44
C GLY A 192 -12.72 -4.91 -11.62
N ASP A 193 -13.77 -4.34 -12.21
CA ASP A 193 -13.82 -2.90 -12.49
C ASP A 193 -14.00 -2.08 -11.22
N VAL A 194 -13.59 -0.81 -11.34
CA VAL A 194 -13.42 0.09 -10.19
C VAL A 194 -14.59 1.07 -10.15
N ALA A 195 -15.22 1.19 -8.98
CA ALA A 195 -16.35 2.11 -8.79
C ALA A 195 -15.85 3.54 -8.58
N THR A 196 -14.91 3.69 -7.64
CA THR A 196 -14.32 4.99 -7.27
C THR A 196 -12.82 4.87 -7.02
N LEU A 197 -12.12 5.96 -7.32
CA LEU A 197 -10.67 5.99 -7.33
C LEU A 197 -10.19 7.29 -6.71
N THR A 198 -9.22 7.21 -5.81
CA THR A 198 -8.55 8.40 -5.26
C THR A 198 -7.02 8.24 -5.41
N ALA A 199 -6.34 9.32 -5.82
CA ALA A 199 -4.93 9.25 -6.22
C ALA A 199 -4.12 10.43 -5.71
N ARG A 200 -2.80 10.23 -5.62
CA ARG A 200 -1.83 11.27 -5.27
C ARG A 200 -0.61 11.03 -6.17
N THR A 201 0.02 12.11 -6.62
CA THR A 201 1.23 12.02 -7.43
C THR A 201 2.32 12.94 -6.89
N LYS A 202 3.54 12.74 -7.39
CA LYS A 202 4.70 13.49 -6.94
C LYS A 202 5.85 13.35 -7.94
N ARG A 203 6.64 14.41 -8.09
CA ARG A 203 7.92 14.35 -8.82
C ARG A 203 9.05 14.42 -7.82
N VAL A 204 9.86 13.38 -7.80
CA VAL A 204 11.04 13.30 -6.97
C VAL A 204 12.29 13.59 -7.82
N ASN A 205 12.42 12.90 -8.94
CA ASN A 205 13.53 13.11 -9.88
C ASN A 205 13.55 14.55 -10.44
N PRO A 206 14.66 15.31 -10.20
CA PRO A 206 14.72 16.68 -10.70
C PRO A 206 15.04 16.84 -12.20
N LYS A 207 15.36 15.74 -12.90
CA LYS A 207 15.70 15.79 -14.34
C LYS A 207 14.56 15.37 -15.28
N ILE A 208 13.32 15.43 -14.81
CA ILE A 208 12.14 15.12 -15.62
C ILE A 208 11.06 16.18 -15.38
N LYS A 209 10.20 16.41 -16.36
CA LYS A 209 9.12 17.39 -16.22
C LYS A 209 7.87 16.82 -15.53
N GLY A 210 7.79 15.50 -15.30
CA GLY A 210 6.53 14.84 -14.84
C GLY A 210 6.57 14.13 -13.49
N GLU A 211 5.39 13.72 -13.02
CA GLU A 211 5.25 12.91 -11.80
C GLU A 211 5.84 11.50 -12.03
N ASP A 212 6.74 11.07 -11.14
CA ASP A 212 7.34 9.75 -11.23
C ASP A 212 7.10 8.90 -10.00
N VAL A 213 6.16 9.33 -9.15
CA VAL A 213 5.70 8.55 -8.02
C VAL A 213 4.19 8.76 -8.00
N ALA A 214 3.43 7.68 -7.87
CA ALA A 214 1.99 7.78 -7.78
C ALA A 214 1.43 6.69 -6.87
N THR A 215 0.41 7.04 -6.10
CA THR A 215 -0.22 6.11 -5.18
C THR A 215 -1.71 6.25 -5.32
N ILE A 216 -2.36 5.15 -5.69
CA ILE A 216 -3.76 5.17 -6.09
C ILE A 216 -4.48 4.13 -5.24
N LEU A 217 -5.67 4.52 -4.74
CA LEU A 217 -6.50 3.71 -3.84
C LEU A 217 -7.82 3.45 -4.53
N LEU A 218 -8.16 2.17 -4.71
CA LEU A 218 -9.24 1.77 -5.60
C LEU A 218 -10.36 1.08 -4.86
N ASP A 219 -11.59 1.53 -5.08
CA ASP A 219 -12.79 0.86 -4.59
C ASP A 219 -13.36 0.01 -5.72
N HIS A 220 -13.21 -1.32 -5.62
CA HIS A 220 -13.74 -2.20 -6.66
C HIS A 220 -15.26 -2.41 -6.51
N GLN A 221 -15.95 -2.47 -7.66
CA GLN A 221 -17.40 -2.72 -7.69
C GLN A 221 -17.77 -4.00 -6.92
N ASN A 222 -16.91 -5.01 -7.00
CA ASN A 222 -17.10 -6.28 -6.29
C ASN A 222 -16.91 -6.24 -4.76
N GLY A 223 -16.53 -5.09 -4.19
CA GLY A 223 -16.37 -4.93 -2.74
C GLY A 223 -14.93 -4.84 -2.27
N ALA A 224 -13.98 -5.31 -3.07
CA ALA A 224 -12.57 -5.28 -2.67
C ALA A 224 -11.98 -3.89 -2.73
N THR A 225 -11.07 -3.62 -1.81
CA THR A 225 -10.22 -2.44 -1.82
C THR A 225 -8.87 -2.85 -2.40
N SER A 226 -8.25 -1.99 -3.20
CA SER A 226 -6.88 -2.25 -3.67
C SER A 226 -5.99 -1.01 -3.65
N ILE A 227 -4.67 -1.24 -3.59
CA ILE A 227 -3.65 -0.19 -3.62
C ILE A 227 -2.80 -0.40 -4.87
N VAL A 228 -2.78 0.58 -5.76
CA VAL A 228 -1.82 0.63 -6.84
C VAL A 228 -0.77 1.68 -6.45
N ASP A 229 0.49 1.28 -6.32
CA ASP A 229 1.55 2.22 -5.99
C ASP A 229 2.70 2.06 -6.97
N VAL A 230 3.08 3.13 -7.66
CA VAL A 230 4.17 3.08 -8.63
C VAL A 230 5.16 4.21 -8.37
N SER A 231 6.43 3.95 -8.70
CA SER A 231 7.51 4.93 -8.60
C SER A 231 8.68 4.56 -9.48
N TYR A 232 9.27 5.56 -10.17
CA TYR A 232 10.58 5.39 -10.83
C TYR A 232 11.70 6.10 -10.05
N ALA A 233 11.46 6.34 -8.75
CA ALA A 233 12.43 7.02 -7.85
C ALA A 233 12.77 6.21 -6.60
N THR A 234 12.61 4.88 -6.68
CA THR A 234 12.81 3.94 -5.58
C THR A 234 14.11 3.18 -5.76
N LYS A 235 15.07 3.42 -4.89
CA LYS A 235 16.43 2.93 -5.05
C LYS A 235 16.60 1.82 -4.03
N LEU A 236 16.51 0.57 -4.50
CA LEU A 236 16.53 -0.60 -3.63
C LEU A 236 17.83 -1.32 -3.77
N GLY A 237 18.05 -2.29 -2.88
CA GLY A 237 19.23 -3.12 -2.90
C GLY A 237 19.36 -3.86 -4.21
N THR A 238 18.27 -4.49 -4.63
CA THR A 238 18.20 -5.22 -5.89
C THR A 238 17.13 -4.56 -6.76
N GLU A 239 17.47 -4.28 -8.02
CA GLU A 239 16.55 -3.63 -8.94
C GLU A 239 15.49 -4.61 -9.47
N PRO A 240 14.22 -4.49 -9.00
CA PRO A 240 13.23 -5.48 -9.42
C PRO A 240 12.69 -5.34 -10.85
N PHE A 241 12.97 -4.23 -11.51
CA PHE A 241 12.41 -3.90 -12.83
C PHE A 241 12.53 -5.07 -13.82
N PRO A 242 11.48 -5.48 -14.55
CA PRO A 242 10.18 -4.82 -14.64
C PRO A 242 9.05 -5.71 -14.09
N GLU A 243 9.22 -6.14 -12.84
CA GLU A 243 8.25 -6.98 -12.17
C GLU A 243 7.18 -6.14 -11.49
N THR A 244 5.95 -6.64 -11.51
CA THR A 244 4.84 -6.05 -10.77
C THR A 244 4.53 -6.97 -9.61
N LEU A 245 4.77 -6.49 -8.39
CA LEU A 245 4.55 -7.26 -7.16
C LEU A 245 3.12 -7.12 -6.67
N ILE A 246 2.52 -8.24 -6.25
CA ILE A 246 1.07 -8.32 -6.01
C ILE A 246 0.76 -9.10 -4.74
N ASP A 247 -0.09 -8.51 -3.90
CA ASP A 247 -0.61 -9.17 -2.71
C ASP A 247 -2.13 -9.17 -2.80
N ILE A 248 -2.75 -10.33 -2.58
CA ILE A 248 -4.22 -10.46 -2.56
C ILE A 248 -4.60 -11.19 -1.28
N ASP A 249 -5.57 -10.66 -0.55
CA ASP A 249 -6.14 -11.35 0.59
C ASP A 249 -7.58 -11.71 0.27
N GLY A 250 -7.97 -12.93 0.64
CA GLY A 250 -9.37 -13.39 0.54
C GLY A 250 -9.83 -14.13 1.78
N THR A 251 -11.14 -14.32 1.88
CA THR A 251 -11.75 -14.97 3.04
C THR A 251 -11.15 -16.33 3.44
N GLN A 252 -10.68 -17.10 2.45
CA GLN A 252 -10.06 -18.42 2.71
C GLN A 252 -8.51 -18.46 2.63
N GLY A 253 -7.85 -17.34 2.27
CA GLY A 253 -6.40 -17.37 2.06
C GLY A 253 -5.74 -16.11 1.51
N THR A 254 -4.47 -16.23 1.14
CA THR A 254 -3.65 -15.11 0.66
C THR A 254 -2.74 -15.53 -0.52
N ILE A 255 -2.58 -14.62 -1.49
CA ILE A 255 -1.62 -14.75 -2.58
C ILE A 255 -0.52 -13.70 -2.36
N ARG A 256 0.72 -14.05 -2.64
CA ARG A 256 1.86 -13.13 -2.48
C ARG A 256 2.90 -13.35 -3.60
N LEU A 257 2.72 -12.61 -4.70
CA LEU A 257 3.68 -12.57 -5.80
C LEU A 257 4.74 -11.54 -5.46
N SER A 258 5.97 -12.01 -5.22
CA SER A 258 7.06 -11.18 -4.71
C SER A 258 8.22 -11.16 -5.70
N GLN A 259 9.23 -10.33 -5.41
CA GLN A 259 10.42 -10.18 -6.27
C GLN A 259 11.03 -11.53 -6.66
N GLY A 260 11.58 -11.59 -7.87
CA GLY A 260 12.09 -12.82 -8.46
C GLY A 260 11.04 -13.84 -8.90
N TYR A 261 9.79 -13.38 -9.03
CA TYR A 261 8.65 -14.21 -9.45
C TYR A 261 8.26 -15.37 -8.51
N ARG A 262 8.68 -15.29 -7.24
CA ARG A 262 8.25 -16.25 -6.21
C ARG A 262 6.77 -16.03 -5.92
N LEU A 263 5.96 -17.09 -5.97
CA LEU A 263 4.50 -16.98 -5.79
C LEU A 263 4.04 -17.83 -4.61
N GLU A 264 3.70 -17.18 -3.49
CA GLU A 264 3.23 -17.88 -2.29
C GLU A 264 1.71 -17.85 -2.26
N VAL A 265 1.09 -19.02 -2.15
CA VAL A 265 -0.36 -19.12 -1.98
C VAL A 265 -0.60 -19.91 -0.70
N THR A 266 -1.52 -19.44 0.14
CA THR A 266 -1.86 -20.15 1.37
C THR A 266 -3.38 -20.27 1.46
N GLY A 267 -3.83 -21.48 1.75
CA GLY A 267 -5.26 -21.79 1.86
C GLY A 267 -5.51 -22.85 2.93
N PRO A 268 -6.71 -23.44 2.94
CA PRO A 268 -7.06 -24.53 3.85
C PRO A 268 -6.04 -25.70 3.91
N ASN A 269 -5.63 -26.20 2.74
CA ASN A 269 -4.65 -27.31 2.63
C ASN A 269 -3.25 -26.92 3.14
N GLY A 270 -2.85 -25.67 2.88
CA GLY A 270 -1.60 -25.11 3.43
C GLY A 270 -0.94 -24.10 2.50
N MET A 271 0.36 -23.93 2.64
CA MET A 271 1.15 -23.06 1.78
C MET A 271 1.68 -23.84 0.57
N THR A 272 1.82 -23.14 -0.56
CA THR A 272 2.56 -23.65 -1.73
C THR A 272 3.45 -22.52 -2.29
N ILE A 273 4.71 -22.83 -2.58
CA ILE A 273 5.62 -21.86 -3.21
C ILE A 273 5.87 -22.34 -4.62
N SER A 274 5.61 -21.46 -5.59
CA SER A 274 5.67 -21.79 -6.99
C SER A 274 6.56 -20.78 -7.73
N ASP A 275 7.30 -21.28 -8.71
CA ASP A 275 8.15 -20.44 -9.55
C ASP A 275 7.34 -20.02 -10.76
N ALA A 276 6.90 -18.76 -10.74
CA ALA A 276 6.17 -18.13 -11.85
C ALA A 276 7.08 -17.32 -12.80
N SER A 277 8.35 -17.71 -12.92
CA SER A 277 9.26 -17.01 -13.80
C SER A 277 8.81 -17.16 -15.24
N PRO A 278 9.08 -16.13 -16.04
CA PRO A 278 8.73 -16.19 -17.46
C PRO A 278 9.72 -17.07 -18.20
N GLN A 279 9.37 -17.52 -19.39
CA GLN A 279 10.33 -18.15 -20.27
C GLN A 279 11.26 -17.08 -20.85
N LEU A 280 12.47 -17.50 -21.22
CA LEU A 280 13.41 -16.63 -21.90
C LEU A 280 13.41 -17.03 -23.37
N LEU A 281 12.76 -16.21 -24.22
CA LEU A 281 12.68 -16.52 -25.64
C LEU A 281 14.03 -16.29 -26.31
N SER A 282 14.20 -16.84 -27.51
CA SER A 282 15.52 -16.85 -28.18
C SER A 282 16.07 -15.45 -28.48
N TRP A 283 15.14 -14.52 -28.77
CA TRP A 283 15.42 -13.11 -29.08
C TRP A 283 15.28 -12.17 -27.87
N ALA A 284 14.87 -12.71 -26.72
CA ALA A 284 14.70 -11.95 -25.49
C ALA A 284 16.05 -11.55 -24.89
N SER A 285 15.97 -10.66 -23.92
CA SER A 285 17.14 -10.01 -23.39
C SER A 285 16.79 -9.50 -22.00
N ARG A 286 17.57 -9.88 -20.99
CA ARG A 286 17.28 -9.49 -19.61
C ARG A 286 17.51 -8.00 -19.36
N PRO A 287 16.71 -7.37 -18.50
CA PRO A 287 15.62 -7.99 -17.71
C PRO A 287 14.23 -7.91 -18.39
N TRP A 288 14.20 -7.54 -19.67
CA TRP A 288 12.98 -7.30 -20.42
C TRP A 288 12.25 -8.59 -20.82
N HIS A 289 12.93 -9.74 -20.70
CA HIS A 289 12.39 -11.03 -21.14
C HIS A 289 10.95 -11.30 -20.66
N ASN A 290 10.61 -10.81 -19.48
CA ASN A 290 9.27 -10.89 -18.95
C ASN A 290 8.20 -10.24 -19.84
N ILE A 291 8.44 -8.98 -20.19
CA ILE A 291 7.53 -8.21 -21.07
C ILE A 291 7.57 -8.75 -22.50
N GLN A 292 8.77 -9.09 -22.94
CA GLN A 292 9.00 -9.59 -24.30
C GLN A 292 8.23 -10.88 -24.59
N GLU A 293 8.20 -11.78 -23.60
CA GLU A 293 7.38 -13.00 -23.68
C GLU A 293 5.91 -12.63 -23.78
N SER A 294 5.46 -11.70 -22.96
CA SER A 294 4.06 -11.29 -23.01
C SER A 294 3.65 -10.58 -24.31
N VAL A 295 4.61 -10.14 -25.14
CA VAL A 295 4.32 -9.63 -26.48
C VAL A 295 3.85 -10.78 -27.38
N LEU A 296 4.57 -11.90 -27.32
CA LEU A 296 4.23 -13.10 -28.07
C LEU A 296 2.87 -13.66 -27.64
N ALA A 297 2.60 -13.62 -26.33
CA ALA A 297 1.31 -14.07 -25.77
C ALA A 297 0.12 -13.29 -26.34
N ILE A 298 0.20 -11.96 -26.28
CA ILE A 298 -0.90 -11.10 -26.73
C ILE A 298 -1.04 -11.06 -28.27
N GLN A 299 0.08 -11.20 -28.98
CA GLN A 299 0.02 -11.21 -30.44
C GLN A 299 -0.54 -12.53 -30.97
N GLN A 300 -0.14 -13.64 -30.35
CA GLN A 300 -0.77 -14.92 -30.63
C GLN A 300 -2.25 -14.93 -30.26
N HIS A 301 -2.60 -14.28 -29.15
CA HIS A 301 -4.00 -14.17 -28.72
C HIS A 301 -4.87 -13.39 -29.74
N TRP A 302 -4.37 -12.23 -30.18
CA TRP A 302 -4.97 -11.47 -31.28
C TRP A 302 -5.25 -12.39 -32.47
N THR A 303 -4.19 -13.00 -33.01
CA THR A 303 -4.26 -13.88 -34.19
C THR A 303 -5.32 -14.97 -34.03
N ASP A 304 -5.37 -15.61 -32.87
CA ASP A 304 -6.32 -16.71 -32.62
C ASP A 304 -7.74 -16.20 -32.58
N ARG A 305 -7.97 -15.17 -31.79
CA ARG A 305 -9.31 -14.57 -31.69
C ARG A 305 -9.80 -13.99 -33.03
N LEU A 306 -8.86 -13.55 -33.87
CA LEU A 306 -9.20 -13.00 -35.16
C LEU A 306 -9.64 -14.11 -36.06
N SER A 307 -8.87 -15.19 -36.09
CA SER A 307 -9.13 -16.33 -36.98
C SER A 307 -10.41 -17.09 -36.68
N SER A 308 -10.90 -17.01 -35.44
CA SER A 308 -12.13 -17.65 -35.01
C SER A 308 -13.36 -16.71 -34.91
N GLY A 309 -13.13 -15.40 -34.80
CA GLY A 309 -14.22 -14.40 -34.73
C GLY A 309 -14.38 -13.63 -33.42
N GLY A 310 -13.86 -14.18 -32.32
CA GLY A 310 -14.15 -13.65 -30.99
C GLY A 310 -13.61 -12.27 -30.66
N GLU A 311 -13.97 -11.80 -29.46
CA GLU A 311 -13.48 -10.55 -28.89
C GLU A 311 -12.12 -10.84 -28.25
N THR A 312 -11.24 -9.84 -28.21
CA THR A 312 -9.96 -9.97 -27.50
C THR A 312 -10.07 -9.49 -26.04
N SER A 313 -9.02 -9.77 -25.26
CA SER A 313 -9.00 -9.60 -23.80
C SER A 313 -8.91 -8.14 -23.46
N THR A 314 -7.96 -7.47 -24.10
CA THR A 314 -7.81 -6.03 -24.01
C THR A 314 -8.32 -5.39 -25.29
N SER A 315 -9.61 -5.61 -25.57
CA SER A 315 -10.27 -4.96 -26.69
C SER A 315 -10.41 -3.48 -26.38
N GLY A 316 -10.42 -2.64 -27.41
CA GLY A 316 -10.75 -1.23 -27.25
C GLY A 316 -11.87 -1.00 -26.24
N ALA A 317 -12.91 -1.82 -26.30
CA ALA A 317 -14.05 -1.71 -25.39
C ALA A 317 -13.64 -1.91 -23.92
N ASP A 318 -12.93 -3.01 -23.65
CA ASP A 318 -12.36 -3.31 -22.33
C ASP A 318 -11.44 -2.18 -21.86
N ASN A 319 -10.48 -1.83 -22.72
CA ASN A 319 -9.44 -0.86 -22.38
C ASN A 319 -9.97 0.54 -21.99
N LEU A 320 -11.18 0.90 -22.39
CA LEU A 320 -11.80 2.16 -21.92
C LEU A 320 -11.95 2.20 -20.41
N LYS A 321 -12.20 1.03 -19.82
CA LYS A 321 -12.39 0.92 -18.38
C LYS A 321 -11.07 0.97 -17.61
N THR A 322 -9.96 0.61 -18.25
CA THR A 322 -8.61 0.81 -17.71
C THR A 322 -8.21 2.28 -17.86
N PHE A 323 -8.39 2.81 -19.07
CA PHE A 323 -8.01 4.19 -19.41
C PHE A 323 -8.74 5.24 -18.59
N ALA A 324 -9.99 4.97 -18.19
CA ALA A 324 -10.74 5.85 -17.28
C ALA A 324 -10.15 5.96 -15.87
N LEU A 325 -9.35 4.98 -15.45
CA LEU A 325 -8.67 5.02 -14.15
C LEU A 325 -7.46 5.98 -14.19
N VAL A 326 -6.72 5.93 -15.30
CA VAL A 326 -5.64 6.86 -15.60
C VAL A 326 -6.15 8.29 -15.56
N GLU A 327 -7.18 8.58 -16.35
CA GLU A 327 -7.75 9.91 -16.39
C GLU A 327 -8.35 10.33 -15.03
N ALA A 328 -8.97 9.39 -14.32
CA ALA A 328 -9.43 9.65 -12.96
C ALA A 328 -8.26 9.99 -12.03
N ALA A 329 -7.17 9.23 -12.13
CA ALA A 329 -5.99 9.41 -11.29
C ALA A 329 -5.41 10.81 -11.35
N TYR A 330 -5.26 11.36 -12.57
CA TYR A 330 -4.73 12.72 -12.74
C TYR A 330 -5.69 13.76 -12.22
N GLU A 331 -6.97 13.59 -12.53
CA GLU A 331 -8.02 14.46 -11.99
C GLU A 331 -7.96 14.52 -10.46
N SER A 332 -7.94 13.33 -9.85
CA SER A 332 -7.88 13.17 -8.39
C SER A 332 -6.64 13.80 -7.81
N ALA A 333 -5.53 13.62 -8.51
CA ALA A 333 -4.23 14.14 -8.09
C ALA A 333 -4.20 15.65 -8.01
N ALA A 334 -4.98 16.33 -8.86
CA ALA A 334 -5.07 17.79 -8.84
C ALA A 334 -6.21 18.35 -7.97
N ASN A 335 -7.07 17.50 -7.40
CA ASN A 335 -8.21 17.95 -6.53
C ASN A 335 -8.14 17.51 -5.07
N GLY A 336 -7.36 16.45 -4.77
CA GLY A 336 -7.41 15.78 -3.45
C GLY A 336 -8.64 14.91 -3.25
N ARG A 337 -9.45 14.76 -4.30
CA ARG A 337 -10.82 14.29 -4.23
C ARG A 337 -11.00 12.98 -5.01
N THR A 338 -11.90 12.14 -4.51
CA THR A 338 -12.27 10.89 -5.17
C THR A 338 -13.02 11.17 -6.49
N VAL A 339 -12.89 10.26 -7.45
CA VAL A 339 -13.56 10.33 -8.76
C VAL A 339 -14.45 9.10 -8.95
N ASP A 340 -15.74 9.32 -9.25
CA ASP A 340 -16.62 8.25 -9.69
C ASP A 340 -16.20 7.83 -11.11
N ILE A 341 -15.82 6.56 -11.25
CA ILE A 341 -15.41 6.02 -12.55
C ILE A 341 -16.66 5.82 -13.42
N GLY A 342 -17.76 5.38 -12.80
CA GLY A 342 -19.01 5.11 -13.51
C GLY A 342 -19.60 6.31 -14.24
N ALA A 343 -19.42 7.49 -13.67
CA ALA A 343 -19.85 8.75 -14.28
C ALA A 343 -19.03 9.11 -15.53
N MET A 344 -17.75 8.76 -15.53
CA MET A 344 -16.85 9.08 -16.66
C MET A 344 -17.16 8.32 -17.94
N LEU A 345 -17.65 7.08 -17.80
CA LEU A 345 -17.95 6.21 -18.94
C LEU A 345 -19.43 6.34 -19.30
N THR B 4 14.87 6.92 47.33
CA THR B 4 14.82 7.80 46.10
C THR B 4 13.76 7.39 45.05
N GLU B 5 13.62 6.08 44.77
CA GLU B 5 12.66 5.53 43.78
C GLU B 5 11.25 6.11 43.82
N LEU B 6 10.75 6.57 42.68
CA LEU B 6 9.38 7.06 42.54
C LEU B 6 8.31 6.01 42.86
N LYS B 7 7.22 6.44 43.49
CA LYS B 7 6.10 5.57 43.85
C LYS B 7 4.96 5.77 42.87
N GLY B 8 4.56 4.70 42.18
CA GLY B 8 3.45 4.72 41.22
C GLY B 8 2.25 3.93 41.69
N ALA B 9 1.06 4.29 41.23
CA ALA B 9 -0.15 3.51 41.52
C ALA B 9 -0.78 3.06 40.23
N LEU B 10 -1.03 1.76 40.10
CA LEU B 10 -1.61 1.19 38.90
C LEU B 10 -3.11 0.95 39.05
N ILE B 11 -3.91 1.67 38.27
CA ILE B 11 -5.37 1.50 38.23
C ILE B 11 -5.75 0.67 37.01
N GLY B 12 -6.23 -0.56 37.25
CA GLY B 12 -6.69 -1.47 36.21
C GLY B 12 -5.75 -2.65 36.04
N CYS B 13 -5.99 -3.72 36.80
CA CYS B 13 -5.11 -4.89 36.87
C CYS B 13 -5.55 -6.03 35.96
N GLY B 14 -5.79 -5.70 34.68
CA GLY B 14 -6.27 -6.66 33.70
C GLY B 14 -5.16 -7.39 32.96
N PHE B 15 -5.52 -7.91 31.78
CA PHE B 15 -4.63 -8.68 30.90
C PHE B 15 -3.28 -8.01 30.66
N PHE B 16 -3.29 -6.86 30.01
CA PHE B 16 -2.06 -6.16 29.60
C PHE B 16 -1.32 -5.48 30.76
N ALA B 17 -2.05 -5.04 31.77
CA ALA B 17 -1.44 -4.46 32.98
C ALA B 17 -0.41 -5.38 33.62
N VAL B 18 -0.57 -6.70 33.46
CA VAL B 18 0.42 -7.66 33.98
C VAL B 18 1.81 -7.40 33.37
N ASN B 19 1.88 -7.07 32.09
CA ASN B 19 3.15 -6.68 31.43
C ASN B 19 3.72 -5.37 32.01
N GLN B 20 2.85 -4.39 32.25
CA GLN B 20 3.26 -3.11 32.82
C GLN B 20 3.86 -3.30 34.22
N MET B 21 3.19 -4.12 35.05
CA MET B 21 3.67 -4.46 36.40
C MET B 21 5.08 -5.05 36.40
N HIS B 22 5.30 -6.06 35.56
CA HIS B 22 6.63 -6.66 35.38
C HIS B 22 7.68 -5.61 35.02
N ALA B 23 7.29 -4.71 34.12
CA ALA B 23 8.19 -3.69 33.60
C ALA B 23 8.57 -2.71 34.67
N TRP B 24 7.60 -2.25 35.47
CA TRP B 24 7.87 -1.35 36.60
C TRP B 24 8.91 -1.93 37.57
N LYS B 25 8.83 -3.24 37.79
CA LYS B 25 9.90 -3.95 38.53
C LYS B 25 11.29 -3.67 37.91
N ASP B 26 11.38 -3.85 36.59
CA ASP B 26 12.63 -3.64 35.84
C ASP B 26 13.04 -2.17 35.68
N VAL B 27 12.09 -1.23 35.71
CA VAL B 27 12.39 0.19 35.51
C VAL B 27 13.22 0.76 36.67
N LYS B 28 14.32 1.44 36.32
CA LYS B 28 15.19 2.13 37.29
C LYS B 28 14.59 3.49 37.65
N GLY B 29 14.34 3.68 38.94
CA GLY B 29 13.78 4.93 39.46
C GLY B 29 12.32 4.91 39.86
N ALA B 30 11.62 3.80 39.59
CA ALA B 30 10.19 3.67 39.92
C ALA B 30 9.79 2.24 40.35
N GLY B 31 8.72 2.16 41.13
CA GLY B 31 8.09 0.91 41.50
C GLY B 31 6.60 1.17 41.74
N ILE B 32 5.85 0.12 42.02
CA ILE B 32 4.40 0.23 42.19
C ILE B 32 4.02 0.06 43.66
N ALA B 33 3.71 1.17 44.32
CA ALA B 33 3.33 1.18 45.74
C ALA B 33 1.88 0.71 46.03
N ALA B 34 1.01 0.83 45.03
CA ALA B 34 -0.40 0.52 45.22
C ALA B 34 -1.00 0.12 43.89
N ILE B 35 -1.90 -0.86 43.91
CA ILE B 35 -2.68 -1.24 42.72
C ILE B 35 -4.15 -1.06 43.01
N CYS B 36 -4.94 -0.94 41.96
CA CYS B 36 -6.35 -0.67 42.09
C CYS B 36 -7.11 -1.37 41.00
N ASP B 37 -8.18 -2.04 41.38
CA ASP B 37 -9.05 -2.70 40.41
C ASP B 37 -10.42 -2.91 41.01
N ARG B 38 -11.41 -2.79 40.14
CA ARG B 38 -12.82 -2.89 40.48
C ARG B 38 -13.28 -4.35 40.58
N ASP B 39 -12.46 -5.28 40.08
CA ASP B 39 -12.72 -6.70 40.16
C ASP B 39 -11.88 -7.28 41.32
N PRO B 40 -12.54 -7.78 42.39
CA PRO B 40 -11.77 -8.26 43.54
C PRO B 40 -10.80 -9.41 43.23
N LYS B 41 -11.14 -10.26 42.25
CA LYS B 41 -10.26 -11.38 41.87
C LYS B 41 -9.02 -10.93 41.08
N ARG B 42 -9.14 -9.89 40.26
CA ARG B 42 -7.97 -9.30 39.56
C ARG B 42 -7.05 -8.56 40.54
N LEU B 43 -7.66 -7.81 41.44
CA LEU B 43 -6.93 -7.12 42.50
C LEU B 43 -6.10 -8.11 43.33
N LYS B 44 -6.64 -9.31 43.57
CA LYS B 44 -5.94 -10.35 44.33
C LYS B 44 -4.79 -10.95 43.52
N LEU B 45 -5.09 -11.35 42.29
CA LEU B 45 -4.12 -12.05 41.44
C LEU B 45 -2.86 -11.21 41.21
N VAL B 46 -3.05 -10.03 40.64
CA VAL B 46 -1.95 -9.09 40.35
C VAL B 46 -1.26 -8.66 41.65
N GLY B 47 -2.04 -8.33 42.67
CA GLY B 47 -1.50 -7.96 43.99
C GLY B 47 -0.60 -9.02 44.57
N ASP B 48 -1.04 -10.28 44.48
CA ASP B 48 -0.26 -11.43 44.96
C ASP B 48 0.94 -11.72 44.08
N GLN B 49 0.77 -11.64 42.76
CA GLN B 49 1.88 -11.93 41.85
C GLN B 49 3.05 -10.96 42.05
N PHE B 50 2.74 -9.70 42.32
CA PHE B 50 3.76 -8.65 42.41
C PHE B 50 3.98 -8.13 43.83
N GLY B 51 3.35 -8.79 44.80
CA GLY B 51 3.58 -8.50 46.21
C GLY B 51 3.34 -7.06 46.57
N ILE B 52 2.19 -6.54 46.14
CA ILE B 52 1.80 -5.15 46.40
C ILE B 52 0.93 -5.15 47.65
N GLU B 53 1.36 -4.45 48.69
CA GLU B 53 0.64 -4.44 49.97
C GLU B 53 -0.67 -3.66 49.83
N ARG B 54 -0.58 -2.43 49.30
CA ARG B 54 -1.72 -1.52 49.20
C ARG B 54 -2.63 -1.87 48.02
N ARG B 55 -3.89 -2.20 48.33
CA ARG B 55 -4.88 -2.62 47.34
C ARG B 55 -6.22 -1.92 47.55
N TYR B 56 -6.83 -1.47 46.46
CA TYR B 56 -8.03 -0.66 46.50
C TYR B 56 -9.06 -1.13 45.46
N GLY B 57 -10.32 -1.16 45.87
CA GLY B 57 -11.45 -1.50 44.97
C GLY B 57 -11.95 -0.38 44.08
N ASP B 58 -11.62 0.87 44.44
CA ASP B 58 -12.03 2.07 43.69
C ASP B 58 -10.96 3.16 43.78
N ALA B 59 -10.77 3.86 42.67
CA ALA B 59 -9.70 4.85 42.55
C ALA B 59 -9.90 6.07 43.45
N ALA B 60 -11.14 6.47 43.71
CA ALA B 60 -11.41 7.59 44.61
C ALA B 60 -10.77 7.39 46.00
N ALA B 61 -10.87 6.17 46.54
CA ALA B 61 -10.27 5.81 47.84
C ALA B 61 -8.75 5.83 47.78
N LEU B 62 -8.22 5.30 46.68
CA LEU B 62 -6.80 5.34 46.37
C LEU B 62 -6.32 6.78 46.35
N PHE B 63 -6.92 7.61 45.49
CA PHE B 63 -6.51 9.01 45.37
C PHE B 63 -6.62 9.79 46.70
N ALA B 64 -7.63 9.45 47.51
CA ALA B 64 -7.83 10.06 48.84
C ALA B 64 -6.68 9.75 49.83
N ASP B 65 -6.22 8.50 49.81
CA ASP B 65 -5.07 8.09 50.63
C ASP B 65 -3.75 8.60 50.05
N GLY B 66 -3.60 8.59 48.74
CA GLY B 66 -2.43 9.19 48.09
C GLY B 66 -1.15 8.42 48.36
N GLY B 67 -0.04 9.15 48.53
CA GLY B 67 1.27 8.56 48.83
C GLY B 67 2.01 7.94 47.64
N PHE B 68 1.64 8.36 46.43
CA PHE B 68 2.33 7.97 45.20
C PHE B 68 2.59 9.22 44.35
N ASP B 69 3.66 9.18 43.57
CA ASP B 69 4.14 10.32 42.79
C ASP B 69 3.59 10.35 41.38
N PHE B 70 2.96 9.25 40.94
CA PHE B 70 2.33 9.16 39.62
C PHE B 70 1.36 7.99 39.52
N VAL B 71 0.43 8.06 38.57
CA VAL B 71 -0.57 7.01 38.40
C VAL B 71 -0.46 6.41 36.99
N ASP B 72 -0.68 5.11 36.91
CA ASP B 72 -0.60 4.34 35.67
C ASP B 72 -1.97 3.71 35.41
N ILE B 73 -2.74 4.35 34.54
CA ILE B 73 -4.10 3.92 34.20
C ILE B 73 -4.04 2.89 33.05
N ALA B 74 -4.38 1.64 33.38
CA ALA B 74 -4.45 0.55 32.40
C ALA B 74 -5.83 -0.11 32.44
N THR B 75 -6.85 0.73 32.54
CA THR B 75 -8.24 0.29 32.43
C THR B 75 -8.64 0.40 30.98
N THR B 76 -9.82 -0.12 30.69
CA THR B 76 -10.44 0.05 29.37
C THR B 76 -10.94 1.51 29.23
N VAL B 77 -11.17 1.92 27.99
CA VAL B 77 -11.37 3.34 27.59
C VAL B 77 -12.46 4.14 28.34
N GLN B 78 -13.49 3.46 28.83
CA GLN B 78 -14.63 4.11 29.47
C GLN B 78 -14.24 4.98 30.66
N SER B 79 -13.33 4.50 31.48
CA SER B 79 -12.96 5.18 32.71
C SER B 79 -11.66 6.00 32.58
N HIS B 80 -11.20 6.22 31.35
CA HIS B 80 -9.97 7.00 31.10
C HIS B 80 -10.13 8.47 31.44
N ARG B 81 -11.29 9.05 31.11
CA ARG B 81 -11.51 10.47 31.38
C ARG B 81 -11.59 10.75 32.88
N ALA B 82 -12.45 10.02 33.59
CA ALA B 82 -12.64 10.24 35.02
C ALA B 82 -11.34 10.10 35.80
N LEU B 83 -10.55 9.08 35.48
CA LEU B 83 -9.30 8.82 36.20
C LEU B 83 -8.23 9.88 35.90
N VAL B 84 -8.13 10.29 34.64
CA VAL B 84 -7.24 11.40 34.24
C VAL B 84 -7.72 12.70 34.87
N GLU B 85 -9.02 12.89 34.98
CA GLU B 85 -9.57 14.07 35.69
C GLU B 85 -9.31 14.05 37.22
N MET B 86 -9.40 12.87 37.86
CA MET B 86 -9.02 12.69 39.28
C MET B 86 -7.53 12.93 39.47
N ALA B 87 -6.73 12.34 38.59
CA ALA B 87 -5.28 12.50 38.63
C ALA B 87 -4.93 13.99 38.67
N ALA B 88 -5.49 14.76 37.74
CA ALA B 88 -5.27 16.21 37.69
C ALA B 88 -5.79 16.97 38.91
N ALA B 89 -6.95 16.57 39.44
CA ALA B 89 -7.52 17.19 40.66
C ALA B 89 -6.63 17.03 41.90
N HIS B 90 -5.93 15.90 42.00
CA HIS B 90 -4.97 15.62 43.07
C HIS B 90 -3.51 15.93 42.69
N LYS B 91 -3.29 16.64 41.58
CA LYS B 91 -1.94 16.98 41.08
C LYS B 91 -0.98 15.81 40.90
N VAL B 92 -1.49 14.60 40.67
CA VAL B 92 -0.65 13.39 40.49
C VAL B 92 -0.42 13.09 38.98
N PRO B 93 0.86 13.13 38.52
CA PRO B 93 1.18 12.83 37.11
C PRO B 93 0.63 11.51 36.65
N ALA B 94 0.14 11.48 35.41
CA ALA B 94 -0.69 10.38 34.92
C ALA B 94 -0.18 9.76 33.63
N ILE B 95 -0.15 8.43 33.61
CA ILE B 95 0.03 7.65 32.39
C ILE B 95 -1.31 6.99 32.11
N CYS B 96 -1.80 7.15 30.88
CA CYS B 96 -3.10 6.64 30.48
C CYS B 96 -2.98 5.79 29.22
N GLN B 97 -3.61 4.61 29.24
CA GLN B 97 -3.59 3.70 28.08
C GLN B 97 -4.29 4.21 26.81
N LYS B 98 -3.99 3.54 25.70
CA LYS B 98 -4.75 3.68 24.44
C LYS B 98 -6.01 2.77 24.50
N PRO B 99 -7.09 3.08 23.76
CA PRO B 99 -7.31 4.41 23.17
C PRO B 99 -7.41 5.47 24.27
N PHE B 100 -6.92 6.67 23.98
CA PHE B 100 -6.77 7.72 25.00
C PHE B 100 -8.14 8.10 25.59
N ALA B 101 -9.06 8.46 24.71
CA ALA B 101 -10.44 8.80 25.07
C ALA B 101 -11.46 8.16 24.11
N LYS B 102 -12.75 8.35 24.35
CA LYS B 102 -13.80 7.80 23.49
C LYS B 102 -13.96 8.61 22.19
N SER B 103 -13.73 9.93 22.27
CA SER B 103 -13.77 10.84 21.14
C SER B 103 -12.62 11.84 21.24
N LEU B 104 -12.41 12.62 20.19
CA LEU B 104 -11.38 13.65 20.15
C LEU B 104 -11.74 14.80 21.11
N SER B 105 -13.04 15.10 21.19
CA SER B 105 -13.61 16.03 22.18
C SER B 105 -13.18 15.71 23.62
N ASP B 106 -13.39 14.48 24.03
CA ASP B 106 -12.97 14.02 25.37
C ASP B 106 -11.45 14.18 25.59
N ALA B 107 -10.66 13.88 24.57
CA ALA B 107 -9.21 13.88 24.67
C ALA B 107 -8.66 15.28 24.88
N LYS B 108 -9.15 16.21 24.07
CA LYS B 108 -8.77 17.63 24.21
C LYS B 108 -9.06 18.17 25.60
N ALA B 109 -10.26 17.89 26.09
CA ALA B 109 -10.69 18.28 27.43
C ALA B 109 -9.82 17.64 28.52
N MET B 110 -9.39 16.40 28.32
CA MET B 110 -8.47 15.73 29.25
C MET B 110 -7.07 16.34 29.24
N VAL B 111 -6.58 16.67 28.05
CA VAL B 111 -5.30 17.37 27.89
C VAL B 111 -5.35 18.76 28.54
N ARG B 112 -6.46 19.47 28.33
CA ARG B 112 -6.63 20.80 28.92
C ARG B 112 -6.67 20.72 30.44
N THR B 113 -7.36 19.72 30.99
CA THR B 113 -7.43 19.55 32.44
C THR B 113 -6.05 19.34 33.07
N CYS B 114 -5.24 18.49 32.44
CA CYS B 114 -3.89 18.19 32.94
C CYS B 114 -2.92 19.38 32.83
N GLU B 115 -3.10 20.25 31.84
CA GLU B 115 -2.31 21.48 31.72
C GLU B 115 -2.68 22.55 32.75
N ASN B 116 -3.98 22.66 33.06
CA ASN B 116 -4.43 23.62 34.08
C ASN B 116 -3.93 23.18 35.45
N ALA B 117 -4.08 21.89 35.77
CA ALA B 117 -3.49 21.32 37.00
C ALA B 117 -1.96 21.30 36.99
N ASP B 118 -1.40 21.35 35.78
CA ASP B 118 0.02 21.46 35.53
C ASP B 118 0.78 20.20 35.94
N ILE B 119 0.22 19.06 35.52
CA ILE B 119 0.84 17.74 35.69
C ILE B 119 1.20 17.18 34.33
N PRO B 120 2.26 16.36 34.26
CA PRO B 120 2.51 15.54 33.06
C PRO B 120 1.38 14.56 32.72
N LEU B 121 1.10 14.42 31.43
CA LEU B 121 0.19 13.40 30.92
C LEU B 121 0.84 12.73 29.73
N MET B 122 1.00 11.41 29.82
CA MET B 122 1.53 10.60 28.74
C MET B 122 0.57 9.49 28.38
N VAL B 123 0.25 9.37 27.10
CA VAL B 123 -0.51 8.22 26.62
C VAL B 123 0.47 7.06 26.51
N HIS B 124 0.06 5.90 27.03
CA HIS B 124 0.83 4.66 26.89
C HIS B 124 0.60 4.08 25.47
N GLU B 125 1.37 4.64 24.55
CA GLU B 125 1.33 4.29 23.15
C GLU B 125 2.71 3.72 22.86
N ASN B 126 2.81 2.39 22.91
CA ASN B 126 4.12 1.73 22.98
C ASN B 126 4.70 1.20 21.66
N PHE B 127 3.86 0.99 20.64
CA PHE B 127 4.36 0.53 19.33
C PHE B 127 5.56 1.38 18.84
N ARG B 128 5.42 2.69 18.93
CA ARG B 128 6.51 3.64 18.73
C ARG B 128 7.87 3.26 19.39
N TRP B 129 7.82 2.66 20.57
CA TRP B 129 9.04 2.34 21.33
C TRP B 129 9.65 0.96 21.07
N GLN B 130 9.07 0.18 20.14
CA GLN B 130 9.64 -1.12 19.77
C GLN B 130 11.02 -0.93 19.14
N THR B 131 11.90 -1.89 19.37
CA THR B 131 13.26 -1.84 18.82
C THR B 131 13.30 -1.66 17.30
N PRO B 132 12.53 -2.48 16.54
CA PRO B 132 12.58 -2.30 15.09
C PRO B 132 12.09 -0.92 14.65
N ILE B 133 11.03 -0.45 15.31
CA ILE B 133 10.40 0.83 14.93
C ILE B 133 11.33 1.99 15.24
N GLN B 134 12.04 1.92 16.38
CA GLN B 134 13.11 2.87 16.70
C GLN B 134 14.27 2.78 15.71
N ALA B 135 14.67 1.56 15.35
CA ALA B 135 15.75 1.35 14.38
C ALA B 135 15.45 2.06 13.04
N VAL B 136 14.21 1.96 12.57
CA VAL B 136 13.79 2.63 11.30
C VAL B 136 13.87 4.17 11.46
N LYS B 137 13.41 4.68 12.60
CA LYS B 137 13.50 6.12 12.92
C LYS B 137 14.94 6.63 12.85
N ALA B 138 15.85 5.88 13.48
CA ALA B 138 17.27 6.23 13.52
C ALA B 138 17.92 6.24 12.14
N VAL B 139 17.59 5.26 11.31
CA VAL B 139 18.08 5.24 9.94
C VAL B 139 17.69 6.54 9.25
N LEU B 140 16.41 6.88 9.35
CA LEU B 140 15.85 8.00 8.59
C LEU B 140 16.38 9.34 9.08
N GLU B 141 16.55 9.47 10.39
CA GLU B 141 17.23 10.63 11.00
C GLU B 141 18.69 10.76 10.55
N SER B 142 19.39 9.63 10.44
CA SER B 142 20.77 9.61 9.96
C SER B 142 20.95 10.31 8.61
N GLY B 143 19.88 10.33 7.81
CA GLY B 143 19.87 10.93 6.48
C GLY B 143 20.44 9.98 5.45
N ALA B 144 20.50 8.70 5.82
CA ALA B 144 20.97 7.62 4.94
C ALA B 144 20.30 7.64 3.60
N ILE B 145 19.00 7.91 3.60
CA ILE B 145 18.17 7.81 2.39
C ILE B 145 17.63 9.18 1.90
N GLY B 146 18.24 10.28 2.35
CA GLY B 146 17.78 11.62 1.99
C GLY B 146 16.45 12.00 2.65
N GLU B 147 15.72 12.93 2.01
CA GLU B 147 14.36 13.29 2.43
C GLU B 147 13.38 12.15 2.08
N PRO B 148 12.59 11.68 3.06
CA PRO B 148 11.59 10.65 2.75
C PRO B 148 10.41 11.22 1.98
N PHE B 149 9.96 10.51 0.94
CA PHE B 149 8.80 10.95 0.15
C PHE B 149 7.61 10.00 0.16
N TRP B 150 7.80 8.75 0.57
CA TRP B 150 6.73 7.76 0.51
C TRP B 150 6.90 6.72 1.60
N GLY B 151 5.80 6.25 2.16
CA GLY B 151 5.85 5.23 3.16
C GLY B 151 4.75 4.21 3.06
N ARG B 152 5.03 3.01 3.56
CA ARG B 152 4.00 2.00 3.82
C ARG B 152 4.19 1.44 5.22
N PHE B 153 3.07 1.37 5.94
CA PHE B 153 2.98 0.85 7.29
C PHE B 153 1.88 -0.22 7.35
N SER B 154 2.27 -1.47 7.51
CA SER B 154 1.41 -2.61 7.26
C SER B 154 1.39 -3.53 8.49
N PHE B 155 0.19 -3.85 8.98
CA PHE B 155 -0.01 -4.86 10.05
C PHE B 155 -1.10 -5.82 9.59
N ARG B 156 -0.72 -6.93 8.98
CA ARG B 156 -1.68 -7.85 8.38
C ARG B 156 -1.50 -9.22 9.02
N SER B 157 -2.49 -9.62 9.82
CA SER B 157 -2.40 -10.80 10.67
C SER B 157 -3.71 -11.60 10.63
N GLY B 158 -3.63 -12.89 10.93
CA GLY B 158 -4.81 -13.73 11.21
C GLY B 158 -4.85 -14.27 12.62
N PHE B 159 -4.18 -13.56 13.54
CA PHE B 159 -3.99 -14.01 14.91
C PHE B 159 -5.30 -13.89 15.68
N ASP B 160 -5.55 -14.85 16.57
CA ASP B 160 -6.72 -14.80 17.45
C ASP B 160 -6.44 -13.88 18.64
N VAL B 161 -6.57 -12.58 18.39
CA VAL B 161 -6.53 -11.56 19.46
C VAL B 161 -7.77 -11.59 20.37
N PHE B 162 -8.85 -12.24 19.90
CA PHE B 162 -10.15 -12.19 20.58
C PHE B 162 -10.17 -12.96 21.91
N SER B 163 -9.35 -14.02 22.03
CA SER B 163 -9.25 -14.80 23.27
C SER B 163 -8.78 -13.93 24.44
N GLY B 164 -7.60 -13.35 24.30
CA GLY B 164 -7.00 -12.50 25.34
C GLY B 164 -7.69 -11.18 25.60
N GLN B 165 -8.54 -10.73 24.67
CA GLN B 165 -9.33 -9.49 24.79
C GLN B 165 -10.74 -9.65 24.14
N PRO B 166 -11.70 -10.29 24.86
CA PRO B 166 -13.07 -10.55 24.34
C PRO B 166 -13.87 -9.35 23.83
N TYR B 167 -13.64 -8.17 24.41
CA TYR B 167 -14.31 -6.92 23.98
C TYR B 167 -14.08 -6.48 22.53
N LEU B 168 -13.02 -7.00 21.89
CA LEU B 168 -12.67 -6.63 20.51
C LEU B 168 -13.70 -7.10 19.50
N ALA B 169 -14.12 -8.36 19.64
CA ALA B 169 -15.22 -8.94 18.85
C ALA B 169 -16.53 -8.20 19.08
N GLU B 170 -16.74 -7.73 20.31
CA GLU B 170 -17.98 -7.05 20.71
C GLU B 170 -18.12 -5.65 20.11
N GLY B 171 -17.05 -4.85 20.20
CA GLY B 171 -17.02 -3.51 19.59
C GLY B 171 -17.52 -3.47 18.13
N GLU B 172 -18.42 -2.50 17.86
CA GLU B 172 -18.91 -2.18 16.51
C GLU B 172 -17.86 -1.43 15.67
N ARG B 173 -16.91 -0.81 16.35
CA ARG B 173 -15.63 -0.40 15.78
C ARG B 173 -14.54 -1.32 16.34
N PHE B 174 -13.71 -1.89 15.47
CA PHE B 174 -12.62 -2.75 15.92
C PHE B 174 -11.23 -2.23 15.54
N ILE B 175 -10.76 -2.54 14.34
CA ILE B 175 -9.31 -2.55 14.07
C ILE B 175 -8.61 -1.19 14.12
N ILE B 176 -9.27 -0.11 13.69
CA ILE B 176 -8.64 1.23 13.70
C ILE B 176 -8.51 1.74 15.15
N GLU B 177 -9.57 1.53 15.92
CA GLU B 177 -9.63 1.88 17.34
C GLU B 177 -8.55 1.14 18.13
N ASP B 178 -8.37 -0.14 17.82
CA ASP B 178 -7.51 -1.04 18.59
C ASP B 178 -6.06 -1.09 18.10
N LEU B 179 -5.85 -1.45 16.84
CA LEU B 179 -4.50 -1.65 16.27
C LEU B 179 -4.04 -0.51 15.36
N GLY B 180 -4.96 0.09 14.60
CA GLY B 180 -4.63 1.12 13.63
C GLY B 180 -4.18 2.41 14.29
N ILE B 181 -4.71 2.66 15.48
CA ILE B 181 -4.17 3.71 16.35
C ILE B 181 -2.64 3.62 16.50
N HIS B 182 -2.10 2.40 16.61
CA HIS B 182 -0.65 2.18 16.66
C HIS B 182 0.06 2.46 15.34
N THR B 183 -0.53 1.98 14.25
CA THR B 183 0.08 2.10 12.92
C THR B 183 0.00 3.54 12.39
N LEU B 184 -1.05 4.28 12.77
CA LEU B 184 -1.16 5.71 12.49
C LEU B 184 -0.15 6.55 13.30
N ASP B 185 0.05 6.17 14.56
CA ASP B 185 1.05 6.81 15.41
C ASP B 185 2.45 6.60 14.85
N ILE B 186 2.71 5.40 14.32
CA ILE B 186 4.00 5.10 13.72
C ILE B 186 4.19 5.96 12.46
N ALA B 187 3.13 6.13 11.67
CA ALA B 187 3.23 6.91 10.45
C ALA B 187 3.63 8.35 10.77
N ARG B 188 3.04 8.92 11.82
CA ARG B 188 3.44 10.23 12.34
C ARG B 188 4.87 10.24 12.88
N PHE B 189 5.22 9.22 13.66
CA PHE B 189 6.55 9.11 14.26
C PHE B 189 7.66 9.13 13.22
N ILE B 190 7.46 8.40 12.14
CA ILE B 190 8.44 8.27 11.07
C ILE B 190 8.36 9.47 10.12
N LEU B 191 7.16 9.80 9.63
CA LEU B 191 7.01 10.81 8.56
C LEU B 191 6.39 12.16 8.95
N GLY B 192 6.11 12.35 10.23
CA GLY B 192 5.57 13.61 10.72
C GLY B 192 4.07 13.68 10.59
N ASP B 193 3.54 14.80 11.08
CA ASP B 193 2.09 15.01 11.12
C ASP B 193 1.41 14.99 9.73
N VAL B 194 0.10 14.76 9.77
CA VAL B 194 -0.74 14.53 8.60
C VAL B 194 -1.63 15.76 8.32
N ALA B 195 -1.65 16.20 7.07
CA ALA B 195 -2.54 17.26 6.60
C ALA B 195 -3.93 16.70 6.36
N THR B 196 -3.98 15.64 5.57
CA THR B 196 -5.24 15.01 5.16
C THR B 196 -5.14 13.48 5.11
N LEU B 197 -6.32 12.85 5.16
CA LEU B 197 -6.46 11.41 5.37
C LEU B 197 -7.69 10.90 4.61
N THR B 198 -7.58 9.71 4.04
CA THR B 198 -8.73 9.05 3.39
C THR B 198 -8.67 7.53 3.66
N ALA B 199 -9.81 6.94 4.04
CA ALA B 199 -9.86 5.58 4.59
C ALA B 199 -11.02 4.75 4.06
N ARG B 200 -10.75 3.48 3.77
CA ARG B 200 -11.76 2.49 3.43
C ARG B 200 -11.70 1.40 4.49
N THR B 201 -12.85 0.83 4.86
CA THR B 201 -12.90 -0.32 5.76
C THR B 201 -13.99 -1.32 5.38
N LYS B 202 -13.81 -2.56 5.85
CA LYS B 202 -14.83 -3.61 5.76
C LYS B 202 -14.67 -4.65 6.86
N ARG B 203 -15.74 -5.36 7.19
CA ARG B 203 -15.70 -6.49 8.11
C ARG B 203 -15.78 -7.77 7.31
N VAL B 204 -14.76 -8.61 7.45
CA VAL B 204 -14.70 -9.92 6.78
C VAL B 204 -15.08 -11.07 7.73
N ASN B 205 -14.47 -11.09 8.90
CA ASN B 205 -14.77 -12.12 9.89
C ASN B 205 -16.27 -12.08 10.20
N PRO B 206 -16.98 -13.21 10.00
CA PRO B 206 -18.42 -13.23 10.35
C PRO B 206 -18.73 -13.11 11.86
N LYS B 207 -17.78 -13.48 12.71
CA LYS B 207 -18.03 -13.60 14.15
C LYS B 207 -18.07 -12.28 14.94
N ILE B 208 -17.30 -11.28 14.50
CA ILE B 208 -17.24 -10.00 15.20
C ILE B 208 -18.30 -8.99 14.71
N LYS B 209 -18.40 -7.86 15.41
CA LYS B 209 -19.33 -6.77 15.06
C LYS B 209 -18.66 -5.56 14.37
N GLY B 210 -17.33 -5.47 14.43
CA GLY B 210 -16.58 -4.32 13.89
C GLY B 210 -15.76 -4.59 12.63
N GLU B 211 -15.30 -3.50 12.01
CA GLU B 211 -14.43 -3.57 10.83
C GLU B 211 -13.07 -4.17 11.23
N ASP B 212 -12.64 -5.20 10.51
CA ASP B 212 -11.36 -5.85 10.81
C ASP B 212 -10.35 -5.72 9.67
N VAL B 213 -10.64 -4.87 8.68
CA VAL B 213 -9.70 -4.53 7.63
C VAL B 213 -9.83 -3.04 7.37
N ALA B 214 -8.70 -2.34 7.37
CA ALA B 214 -8.68 -0.89 7.09
C ALA B 214 -7.51 -0.56 6.18
N THR B 215 -7.74 0.31 5.20
CA THR B 215 -6.73 0.78 4.27
C THR B 215 -6.83 2.28 4.27
N ILE B 216 -5.78 2.95 4.73
CA ILE B 216 -5.76 4.39 4.96
C ILE B 216 -4.64 5.00 4.14
N LEU B 217 -4.92 6.13 3.48
CA LEU B 217 -3.96 6.84 2.63
C LEU B 217 -3.73 8.24 3.23
N LEU B 218 -2.47 8.56 3.55
CA LEU B 218 -2.15 9.75 4.33
C LEU B 218 -1.35 10.76 3.52
N ASP B 219 -1.77 12.02 3.58
CA ASP B 219 -1.01 13.14 3.02
C ASP B 219 -0.26 13.90 4.10
N HIS B 220 1.06 13.69 4.19
CA HIS B 220 1.87 14.31 5.25
C HIS B 220 2.21 15.74 4.90
N GLN B 221 2.29 16.58 5.93
CA GLN B 221 2.61 18.01 5.78
C GLN B 221 3.95 18.25 5.11
N ASN B 222 4.91 17.36 5.34
CA ASN B 222 6.21 17.46 4.69
C ASN B 222 6.23 17.01 3.22
N GLY B 223 5.06 16.68 2.67
CA GLY B 223 4.94 16.30 1.29
C GLY B 223 4.86 14.80 1.07
N ALA B 224 5.21 14.01 2.08
CA ALA B 224 5.24 12.54 1.92
C ALA B 224 3.83 12.00 1.86
N THR B 225 3.68 10.88 1.17
CA THR B 225 2.44 10.12 1.10
C THR B 225 2.66 8.80 1.83
N SER B 226 1.63 8.22 2.45
CA SER B 226 1.81 6.83 2.94
C SER B 226 0.53 6.01 3.00
N ILE B 227 0.71 4.69 3.07
CA ILE B 227 -0.39 3.76 3.16
C ILE B 227 -0.31 3.11 4.54
N VAL B 228 -1.37 3.24 5.33
CA VAL B 228 -1.52 2.44 6.53
C VAL B 228 -2.56 1.41 6.17
N ASP B 229 -2.15 0.15 6.09
CA ASP B 229 -3.05 -0.96 5.83
C ASP B 229 -2.98 -1.98 6.98
N VAL B 230 -4.12 -2.25 7.58
CA VAL B 230 -4.22 -3.14 8.74
C VAL B 230 -5.32 -4.16 8.50
N SER B 231 -5.10 -5.37 9.01
CA SER B 231 -6.05 -6.46 8.88
C SER B 231 -5.87 -7.45 10.00
N TYR B 232 -7.00 -8.01 10.47
CA TYR B 232 -7.04 -9.22 11.30
C TYR B 232 -7.74 -10.40 10.62
N ALA B 233 -8.13 -10.25 9.35
CA ALA B 233 -8.72 -11.32 8.55
C ALA B 233 -7.78 -11.74 7.42
N THR B 234 -6.48 -11.87 7.73
CA THR B 234 -5.42 -12.15 6.75
C THR B 234 -4.67 -13.45 7.11
N LYS B 235 -4.83 -14.45 6.26
CA LYS B 235 -4.34 -15.80 6.54
C LYS B 235 -3.05 -16.11 5.80
N LEU B 236 -1.92 -15.92 6.48
CA LEU B 236 -0.59 -16.12 5.90
C LEU B 236 0.03 -17.44 6.35
N GLY B 237 0.90 -17.99 5.49
CA GLY B 237 1.61 -19.22 5.76
C GLY B 237 2.58 -19.16 6.92
N THR B 238 3.06 -17.96 7.24
CA THR B 238 3.84 -17.71 8.48
C THR B 238 3.26 -16.46 9.13
N GLU B 239 2.68 -16.63 10.32
CA GLU B 239 1.91 -15.58 11.00
C GLU B 239 2.82 -14.46 11.53
N PRO B 240 2.73 -13.23 10.96
CA PRO B 240 3.64 -12.16 11.37
C PRO B 240 3.36 -11.51 12.73
N PHE B 241 2.20 -11.75 13.32
CA PHE B 241 1.81 -11.10 14.57
C PHE B 241 2.92 -11.13 15.64
N PRO B 242 3.23 -10.03 16.34
CA PRO B 242 2.64 -8.68 16.17
C PRO B 242 3.65 -7.67 15.56
N GLU B 243 4.18 -8.00 14.38
CA GLU B 243 5.14 -7.14 13.70
C GLU B 243 4.44 -6.10 12.86
N THR B 244 5.06 -4.92 12.74
CA THR B 244 4.60 -3.88 11.82
C THR B 244 5.69 -3.76 10.76
N LEU B 245 5.33 -4.11 9.52
CA LEU B 245 6.25 -4.10 8.37
C LEU B 245 6.26 -2.70 7.75
N ILE B 246 7.45 -2.09 7.65
CA ILE B 246 7.57 -0.69 7.24
C ILE B 246 8.41 -0.59 5.98
N ASP B 247 7.91 0.19 5.02
CA ASP B 247 8.66 0.53 3.81
C ASP B 247 8.70 2.06 3.74
N ILE B 248 9.88 2.60 3.45
CA ILE B 248 10.07 4.06 3.32
C ILE B 248 10.93 4.27 2.07
N ASP B 249 10.52 5.19 1.19
CA ASP B 249 11.37 5.65 0.07
C ASP B 249 11.73 7.11 0.27
N GLY B 250 13.03 7.42 0.12
CA GLY B 250 13.54 8.79 0.13
C GLY B 250 14.39 9.09 -1.09
N THR B 251 14.85 10.33 -1.20
CA THR B 251 15.56 10.81 -2.40
C THR B 251 16.89 10.11 -2.69
N GLN B 252 17.63 9.74 -1.66
CA GLN B 252 18.89 9.02 -1.82
C GLN B 252 18.79 7.48 -1.61
N GLY B 253 17.65 6.97 -1.14
CA GLY B 253 17.53 5.53 -0.87
C GLY B 253 16.22 5.02 -0.29
N THR B 254 16.27 3.83 0.30
CA THR B 254 15.07 3.18 0.82
C THR B 254 15.33 2.42 2.11
N ILE B 255 14.29 2.33 2.94
CA ILE B 255 14.27 1.46 4.11
C ILE B 255 13.16 0.45 3.88
N ARG B 256 13.40 -0.79 4.30
CA ARG B 256 12.45 -1.89 4.15
C ARG B 256 12.58 -2.83 5.35
N LEU B 257 11.67 -2.66 6.32
CA LEU B 257 11.58 -3.54 7.49
C LEU B 257 10.55 -4.64 7.21
N SER B 258 11.05 -5.86 7.00
CA SER B 258 10.26 -7.03 6.62
C SER B 258 10.11 -8.05 7.77
N GLN B 259 9.35 -9.12 7.54
CA GLN B 259 9.07 -10.13 8.57
C GLN B 259 10.35 -10.73 9.19
N GLY B 260 10.30 -11.08 10.47
CA GLY B 260 11.48 -11.48 11.22
C GLY B 260 12.40 -10.35 11.65
N TYR B 261 11.90 -9.12 11.69
CA TYR B 261 12.70 -7.95 12.09
C TYR B 261 13.97 -7.77 11.25
N ARG B 262 13.81 -8.02 9.94
CA ARG B 262 14.89 -7.88 8.97
C ARG B 262 14.83 -6.47 8.39
N LEU B 263 15.77 -5.63 8.81
CA LEU B 263 15.84 -4.24 8.37
C LEU B 263 16.82 -4.18 7.23
N GLU B 264 16.42 -3.52 6.14
CA GLU B 264 17.26 -3.41 4.93
C GLU B 264 17.32 -1.94 4.55
N VAL B 265 18.53 -1.39 4.44
CA VAL B 265 18.70 0.01 4.06
C VAL B 265 19.54 0.04 2.79
N THR B 266 19.08 0.76 1.77
CA THR B 266 19.88 0.99 0.57
C THR B 266 20.09 2.46 0.45
N GLY B 267 21.32 2.86 0.16
CA GLY B 267 21.70 4.27 0.11
C GLY B 267 22.81 4.48 -0.90
N PRO B 268 23.45 5.67 -0.86
CA PRO B 268 24.59 5.98 -1.71
C PRO B 268 25.76 4.97 -1.61
N ASN B 269 26.05 4.53 -0.39
CA ASN B 269 27.19 3.66 -0.11
C ASN B 269 26.78 2.18 0.01
N GLY B 270 26.04 1.71 -0.99
CA GLY B 270 25.62 0.31 -1.07
C GLY B 270 24.35 0.01 -0.31
N MET B 271 24.29 -1.17 0.29
CA MET B 271 23.10 -1.68 0.96
C MET B 271 23.46 -2.52 2.19
N THR B 272 22.82 -2.19 3.30
CA THR B 272 22.99 -2.92 4.56
C THR B 272 21.73 -3.71 4.94
N ILE B 273 21.96 -4.81 5.65
CA ILE B 273 20.91 -5.65 6.20
C ILE B 273 21.26 -5.82 7.67
N SER B 274 20.33 -5.52 8.56
CA SER B 274 20.55 -5.72 9.99
C SER B 274 19.36 -6.45 10.62
N ASP B 275 19.57 -6.86 11.87
CA ASP B 275 18.56 -7.55 12.65
C ASP B 275 18.07 -6.58 13.69
N ALA B 276 16.81 -6.17 13.54
CA ALA B 276 16.19 -5.20 14.44
C ALA B 276 15.29 -5.87 15.50
N SER B 277 15.44 -7.18 15.72
CA SER B 277 14.57 -7.90 16.66
C SER B 277 14.82 -7.52 18.12
N PRO B 278 13.76 -7.49 18.94
CA PRO B 278 13.83 -7.08 20.35
C PRO B 278 14.46 -8.14 21.26
N GLN B 279 14.85 -7.72 22.46
CA GLN B 279 15.31 -8.64 23.51
C GLN B 279 14.14 -9.44 24.06
N LEU B 280 14.37 -10.72 24.36
CA LEU B 280 13.42 -11.53 25.12
C LEU B 280 13.75 -11.37 26.61
N LEU B 281 13.00 -10.51 27.30
CA LEU B 281 13.20 -10.23 28.72
C LEU B 281 12.81 -11.43 29.56
N SER B 282 13.34 -11.52 30.78
CA SER B 282 13.11 -12.68 31.64
C SER B 282 11.62 -12.99 31.72
N TRP B 283 10.83 -11.99 32.10
CA TRP B 283 9.38 -12.12 32.16
C TRP B 283 8.68 -12.18 30.82
N ALA B 284 9.32 -11.70 29.75
CA ALA B 284 8.73 -11.71 28.40
C ALA B 284 8.47 -13.11 27.85
N SER B 285 7.75 -13.18 26.72
CA SER B 285 7.26 -14.44 26.19
C SER B 285 6.80 -14.32 24.73
N ARG B 286 7.33 -15.16 23.84
CA ARG B 286 7.07 -15.02 22.39
C ARG B 286 5.64 -15.39 21.97
N PRO B 287 5.08 -14.75 20.93
CA PRO B 287 5.73 -13.72 20.09
C PRO B 287 5.60 -12.25 20.56
N TRP B 288 5.17 -12.04 21.81
CA TRP B 288 4.78 -10.72 22.32
C TRP B 288 5.97 -9.91 22.86
N HIS B 289 7.14 -10.56 23.00
CA HIS B 289 8.41 -9.91 23.40
C HIS B 289 8.72 -8.59 22.65
N ASN B 290 8.20 -8.50 21.43
CA ASN B 290 8.10 -7.27 20.68
C ASN B 290 7.51 -6.15 21.54
N ILE B 291 6.24 -6.33 21.90
CA ILE B 291 5.42 -5.31 22.56
C ILE B 291 5.86 -5.15 24.03
N GLN B 292 6.16 -6.28 24.65
CA GLN B 292 6.53 -6.32 26.06
C GLN B 292 7.81 -5.52 26.38
N GLU B 293 8.79 -5.54 25.47
CA GLU B 293 10.00 -4.73 25.64
C GLU B 293 9.68 -3.24 25.58
N SER B 294 8.77 -2.87 24.68
CA SER B 294 8.43 -1.45 24.51
C SER B 294 7.74 -0.85 25.74
N VAL B 295 7.09 -1.71 26.53
CA VAL B 295 6.48 -1.32 27.81
C VAL B 295 7.55 -0.86 28.81
N LEU B 296 8.64 -1.62 28.89
CA LEU B 296 9.79 -1.23 29.67
C LEU B 296 10.36 0.06 29.09
N ALA B 297 10.42 0.17 27.77
CA ALA B 297 10.99 1.34 27.13
C ALA B 297 10.21 2.63 27.43
N ILE B 298 8.90 2.59 27.22
CA ILE B 298 8.05 3.79 27.41
C ILE B 298 7.89 4.21 28.89
N GLN B 299 7.87 3.23 29.80
CA GLN B 299 7.73 3.50 31.24
C GLN B 299 9.02 4.02 31.81
N GLN B 300 10.12 3.38 31.42
CA GLN B 300 11.45 3.90 31.70
C GLN B 300 11.62 5.28 31.10
N HIS B 301 11.10 5.50 29.89
CA HIS B 301 11.11 6.83 29.28
C HIS B 301 10.32 7.85 30.14
N TRP B 302 9.17 7.43 30.66
CA TRP B 302 8.33 8.30 31.50
C TRP B 302 9.07 8.73 32.78
N THR B 303 9.63 7.76 33.50
CA THR B 303 10.38 8.00 34.75
C THR B 303 11.49 9.03 34.47
N ASP B 304 12.34 8.71 33.50
CA ASP B 304 13.41 9.62 33.04
C ASP B 304 12.86 11.04 32.87
N ARG B 305 11.77 11.16 32.12
CA ARG B 305 11.21 12.46 31.77
C ARG B 305 10.52 13.17 32.93
N LEU B 306 9.96 12.41 33.87
CA LEU B 306 9.32 12.97 35.05
C LEU B 306 10.38 13.45 36.04
N SER B 307 11.53 12.78 36.04
CA SER B 307 12.70 13.21 36.79
C SER B 307 13.33 14.45 36.13
N SER B 308 13.52 14.40 34.81
CA SER B 308 14.15 15.53 34.10
C SER B 308 13.21 16.71 33.81
N GLY B 309 11.92 16.59 34.10
CA GLY B 309 10.95 17.66 33.82
C GLY B 309 10.79 17.96 32.33
N GLY B 310 10.93 16.93 31.50
CA GLY B 310 10.78 17.04 30.05
C GLY B 310 9.47 16.45 29.59
N GLU B 311 8.96 16.94 28.47
CA GLU B 311 7.68 16.49 27.95
C GLU B 311 7.91 15.17 27.21
N THR B 312 7.05 14.19 27.43
CA THR B 312 7.23 12.86 26.83
C THR B 312 6.93 12.80 25.33
N SER B 313 7.39 11.72 24.71
CA SER B 313 7.26 11.46 23.27
C SER B 313 5.79 11.23 22.85
N THR B 314 5.05 10.45 23.63
CA THR B 314 3.59 10.27 23.43
C THR B 314 2.81 11.03 24.51
N SER B 315 3.09 12.32 24.64
CA SER B 315 2.38 13.18 25.60
C SER B 315 0.94 13.34 25.18
N GLY B 316 0.03 13.44 26.14
CA GLY B 316 -1.40 13.63 25.89
C GLY B 316 -1.70 14.53 24.71
N ALA B 317 -1.01 15.68 24.65
CA ALA B 317 -1.20 16.67 23.60
C ALA B 317 -0.67 16.20 22.24
N ASP B 318 0.50 15.57 22.21
CA ASP B 318 1.02 14.95 20.97
C ASP B 318 0.04 13.91 20.45
N ASN B 319 -0.40 13.04 21.35
CA ASN B 319 -1.28 11.93 21.01
C ASN B 319 -2.65 12.36 20.46
N LEU B 320 -3.06 13.62 20.68
CA LEU B 320 -4.23 14.16 19.97
C LEU B 320 -4.10 14.12 18.45
N LYS B 321 -2.87 14.35 17.96
CA LYS B 321 -2.57 14.30 16.52
C LYS B 321 -2.54 12.90 15.92
N THR B 322 -2.38 11.88 16.76
CA THR B 322 -2.62 10.49 16.38
C THR B 322 -4.12 10.21 16.42
N PHE B 323 -4.75 10.55 17.54
CA PHE B 323 -6.16 10.23 17.79
C PHE B 323 -7.12 10.81 16.76
N ALA B 324 -6.85 12.03 16.31
CA ALA B 324 -7.60 12.67 15.22
C ALA B 324 -7.61 11.81 13.95
N LEU B 325 -6.49 11.14 13.66
CA LEU B 325 -6.37 10.27 12.48
C LEU B 325 -7.30 9.06 12.57
N VAL B 326 -7.41 8.48 13.77
CA VAL B 326 -8.39 7.41 14.01
C VAL B 326 -9.79 7.96 13.77
N GLU B 327 -10.12 9.09 14.40
CA GLU B 327 -11.45 9.67 14.25
C GLU B 327 -11.73 10.16 12.82
N ALA B 328 -10.69 10.58 12.10
CA ALA B 328 -10.85 10.91 10.69
C ALA B 328 -11.10 9.68 9.82
N ALA B 329 -10.40 8.58 10.13
CA ALA B 329 -10.50 7.34 9.34
C ALA B 329 -11.89 6.72 9.36
N TYR B 330 -12.50 6.70 10.54
CA TYR B 330 -13.87 6.24 10.67
C TYR B 330 -14.80 7.15 9.90
N GLU B 331 -14.63 8.46 10.10
CA GLU B 331 -15.44 9.46 9.40
C GLU B 331 -15.33 9.34 7.88
N SER B 332 -14.10 9.16 7.40
CA SER B 332 -13.82 9.03 5.97
C SER B 332 -14.39 7.74 5.38
N ALA B 333 -14.23 6.63 6.12
CA ALA B 333 -14.78 5.33 5.72
C ALA B 333 -16.28 5.40 5.44
N ALA B 334 -17.01 6.15 6.28
CA ALA B 334 -18.45 6.37 6.11
C ALA B 334 -18.73 7.33 4.96
N ASN B 335 -18.12 8.52 5.00
CA ASN B 335 -18.21 9.54 3.92
C ASN B 335 -17.88 8.97 2.56
N GLY B 336 -16.70 8.37 2.46
CA GLY B 336 -16.02 8.11 1.20
C GLY B 336 -15.22 9.32 0.73
N ARG B 337 -14.94 10.26 1.64
CA ARG B 337 -14.42 11.58 1.28
C ARG B 337 -13.19 11.88 2.14
N THR B 338 -12.20 12.53 1.53
CA THR B 338 -10.96 12.93 2.21
C THR B 338 -11.27 13.94 3.32
N VAL B 339 -10.61 13.77 4.46
CA VAL B 339 -10.84 14.55 5.67
C VAL B 339 -9.67 15.47 5.99
N ASP B 340 -9.96 16.73 6.30
CA ASP B 340 -8.96 17.70 6.73
C ASP B 340 -8.62 17.50 8.22
N ILE B 341 -7.36 17.18 8.51
CA ILE B 341 -6.91 16.89 9.89
C ILE B 341 -6.76 18.17 10.72
N GLY B 342 -6.15 19.20 10.14
CA GLY B 342 -5.91 20.48 10.83
C GLY B 342 -7.18 21.15 11.32
N ALA B 343 -8.27 20.94 10.57
CA ALA B 343 -9.62 21.42 10.95
C ALA B 343 -10.18 20.74 12.21
N MET B 344 -9.91 19.44 12.36
CA MET B 344 -10.29 18.69 13.57
C MET B 344 -9.55 19.15 14.84
N LEU B 345 -8.32 19.60 14.68
CA LEU B 345 -7.43 19.93 15.80
C LEU B 345 -7.66 21.35 16.30
PA NAD C . 9.49 5.36 -30.47
O1A NAD C . 9.54 6.86 -30.65
O2A NAD C . 10.77 4.57 -30.37
O5B NAD C . 8.61 4.74 -31.67
C5B NAD C . 7.62 5.47 -32.39
C4B NAD C . 7.95 5.40 -33.87
O4B NAD C . 6.77 5.67 -34.62
C3B NAD C . 9.01 6.40 -34.30
O3B NAD C . 10.09 5.73 -34.97
C2B NAD C . 8.28 7.38 -35.22
O2B NAD C . 9.09 7.78 -36.33
C1B NAD C . 7.07 6.57 -35.68
N9A NAD C . 5.84 7.35 -35.99
C8A NAD C . 5.26 8.30 -35.23
N7A NAD C . 4.12 8.76 -35.83
C5A NAD C . 3.96 8.08 -36.99
C6A NAD C . 2.98 8.06 -38.10
N6A NAD C . 1.91 8.89 -38.11
N1A NAD C . 3.21 7.19 -39.12
C2A NAD C . 4.27 6.35 -39.14
N3A NAD C . 5.19 6.32 -38.17
C4A NAD C . 5.10 7.14 -37.08
O3 NAD C . 8.59 5.04 -29.17
PN NAD C . 8.64 3.60 -28.42
O1N NAD C . 9.49 3.75 -27.19
O2N NAD C . 8.94 2.49 -29.41
O5D NAD C . 7.12 3.44 -27.92
C5D NAD C . 6.03 3.58 -28.82
C4D NAD C . 4.76 3.28 -28.06
O4D NAD C . 4.88 1.99 -27.46
C3D NAD C . 4.51 4.29 -26.95
O3D NAD C . 3.17 4.78 -27.03
C2D NAD C . 4.72 3.53 -25.66
O2D NAD C . 3.77 3.92 -24.66
C1D NAD C . 4.56 2.06 -26.06
N1N NAD C . 5.35 1.07 -25.30
C2N NAD C . 4.72 -0.03 -24.86
C3N NAD C . 5.37 -1.03 -24.14
C7N NAD C . 4.58 -2.23 -23.69
O7N NAD C . 3.74 -2.71 -24.44
N7N NAD C . 4.80 -2.77 -22.48
C4N NAD C . 6.73 -0.89 -23.90
C5N NAD C . 7.39 0.25 -24.36
C6N NAD C . 6.67 1.22 -25.07
O1 TLA D . 5.94 -1.00 -20.68
O11 TLA D . 4.59 0.54 -21.46
C1 TLA D . 5.64 0.20 -20.89
C2 TLA D . 6.57 1.27 -20.42
O2 TLA D . 7.29 1.79 -21.55
C3 TLA D . 7.54 0.72 -19.38
O3 TLA D . 8.45 -0.21 -19.98
C4 TLA D . 8.25 1.89 -18.78
O4 TLA D . 7.69 2.46 -17.83
O41 TLA D . 9.35 2.25 -19.26
MG MG E . 4.90 -16.02 -38.06
PA NAD F . -8.92 -5.86 30.83
O1A NAD F . -10.43 -5.85 30.89
O2A NAD F . -8.18 -7.18 30.89
O5B NAD F . -8.35 -4.94 32.03
C5B NAD F . -8.99 -3.75 32.50
C4B NAD F . -9.18 -3.87 34.01
O4B NAD F . -9.50 -2.59 34.55
C3B NAD F . -10.31 -4.81 34.40
O3B NAD F . -9.79 -5.85 35.25
C2B NAD F . -11.33 -3.94 35.11
O2B NAD F . -11.91 -4.60 36.24
C1B NAD F . -10.52 -2.72 35.53
N9A NAD F . -11.27 -1.44 35.58
C8A NAD F . -12.03 -0.92 34.59
N7A NAD F . -12.55 0.28 34.97
C5A NAD F . -12.12 0.55 36.21
C6A NAD F . -12.28 1.64 37.20
N6A NAD F . -13.04 2.72 36.93
N1A NAD F . -11.65 1.52 38.39
C2A NAD F . -10.89 0.45 38.70
N3A NAD F . -10.70 -0.58 37.83
C4A NAD F . -11.27 -0.58 36.61
O3 NAD F . -8.42 -5.06 29.53
PN NAD F . -6.90 -5.16 29.00
O1N NAD F . -6.80 -6.22 27.94
O2N NAD F . -5.95 -5.17 30.18
O5D NAD F . -6.73 -3.77 28.23
C5D NAD F . -6.95 -2.54 28.90
C4D NAD F . -6.46 -1.41 28.01
O4D NAD F . -5.13 -1.69 27.55
C3D NAD F . -7.34 -1.23 26.79
O3D NAD F . -7.88 0.10 26.78
C2D NAD F . -6.43 -1.50 25.60
O2D NAD F . -6.63 -0.54 24.55
C1D NAD F . -5.02 -1.42 26.16
N1N NAD F . -4.03 -2.36 25.61
C2N NAD F . -2.83 -1.89 25.20
C3N NAD F . -1.85 -2.74 24.68
C7N NAD F . -0.54 -2.17 24.23
O7N NAD F . -0.18 -1.10 24.72
N7N NAD F . 0.26 -2.79 23.35
C4N NAD F . -2.11 -4.11 24.61
C5N NAD F . -3.35 -4.58 25.06
C6N NAD F . -4.29 -3.69 25.56
O1 TLA G . -2.19 -2.72 21.49
O11 TLA G . -1.07 -4.56 21.19
C1 TLA G . -2.14 -3.90 21.15
C2 TLA G . -3.40 -4.55 20.69
O2 TLA G . -4.19 -4.98 21.80
C3 TLA G . -3.06 -5.74 19.78
O3 TLA G . -2.59 -6.84 20.58
C4 TLA G . -4.30 -6.09 19.03
O4 TLA G . -5.06 -6.98 19.47
O41 TLA G . -4.52 -5.44 17.99
MG MG H . 11.31 -0.90 39.98
#